data_4HM5
#
_entry.id   4HM5
#
_cell.length_a   139.982
_cell.length_b   139.982
_cell.length_c   208.209
_cell.angle_alpha   90.000
_cell.angle_beta   90.000
_cell.angle_gamma   120.000
#
_symmetry.space_group_name_H-M   'H 3 2'
#
loop_
_entity.id
_entity.type
_entity.pdbx_description
1 polymer 'Naphthalene 1,2-dioxygenase subunit alpha'
2 polymer 'Naphthalene 1,2-dioxygenase subunit beta'
3 non-polymer 1,2-ETHANEDIOL
4 non-polymer 'SULFATE ION'
5 non-polymer 'FE2/S2 (INORGANIC) CLUSTER'
6 non-polymer 'FE (III) ION'
7 non-polymer 2,3-dihydro-1H-indene
8 water water
#
loop_
_entity_poly.entity_id
_entity_poly.type
_entity_poly.pdbx_seq_one_letter_code
_entity_poly.pdbx_strand_id
1 'polypeptide(L)'
;MNYNNKILVSESGLSQKHLIHGDEELFQHELKTIFARNWLFLTHDSLIPAPGDYVTAKMGIDEVIVSRQNDGSIRAFLNV
CRHRGKTLVSVEAGNAKGFVCSYHGWGFGSNGELQSVPFEKDLYGESLNKKCLGLKEVARVESFHGFIYGCFDQEAPPLM
DYLGDAAWYLEPMFKHSGGLELVGPPGKVVIKANWKAPAENFVGDAYHVGWTHASSLRSGESIFSSLAGNAALPPEGAGL
QMTSKYGSGMGVLWDGYSGVHSADLVPELMAFGGAKQERLNKEIGDVRARIYRSHLNCTVFPNNSMLTCSGVFKVWNPID
ANTTEVWTYAIVEKDMPEDLKRRLADSVQRTFGPAGFWESDDNDNMETASQNGKKYQSRDSDLLSNLGFGEDVYGDAVYP
GVVGKSAIGETSYRGFYRAYQAHVSSSNWAEFEHASSTWHTELTKTTDR
;
A
2 'polypeptide(L)'
;MMINIQEDKLVSAHDAEEILRFFNCHDSALQQEATTLLTQEAHLLDIQAYRAWLEHCVGSEVQYQVISRELRAASERRYK
LNEAMNVYNENFQQLKVRVEHQLDPQNWGNSPKLRFTRFITNVQAAMDVNDKELLHIRSNVILHRARRGNQVDVFYAARE
DKWKRGEGGVRKLVQRFVDYPERILQTHNLMVFL
;
B
#
# COMPACT_ATOMS: atom_id res chain seq x y z
N MET A 1 -2.60 -26.30 -19.65
CA MET A 1 -1.21 -26.45 -19.23
C MET A 1 -1.14 -27.46 -18.08
N ASN A 2 -0.17 -28.38 -18.12
CA ASN A 2 -0.01 -29.37 -17.06
C ASN A 2 0.95 -28.86 -15.99
N TYR A 3 0.42 -28.47 -14.83
CA TYR A 3 1.24 -27.79 -13.83
C TYR A 3 2.15 -28.74 -13.07
N ASN A 4 1.90 -30.04 -13.21
CA ASN A 4 2.77 -31.05 -12.62
C ASN A 4 4.09 -31.20 -13.37
N ASN A 5 4.06 -30.89 -14.67
CA ASN A 5 5.20 -31.11 -15.55
C ASN A 5 5.84 -29.83 -16.07
N LYS A 6 5.02 -28.81 -16.33
CA LYS A 6 5.50 -27.57 -16.94
C LYS A 6 6.57 -26.88 -16.11
N ILE A 7 7.73 -26.64 -16.71
CA ILE A 7 8.81 -25.92 -16.04
C ILE A 7 8.57 -24.42 -16.21
N LEU A 8 7.90 -23.82 -15.24
CA LEU A 8 7.67 -22.37 -15.25
C LEU A 8 8.84 -21.62 -14.63
N VAL A 9 9.51 -22.27 -13.70
CA VAL A 9 10.71 -21.72 -13.07
C VAL A 9 11.82 -22.75 -13.23
N SER A 10 12.96 -22.34 -13.81
CA SER A 10 14.05 -23.27 -14.04
C SER A 10 14.78 -23.62 -12.74
N GLU A 11 15.61 -24.65 -12.81
CA GLU A 11 16.37 -25.11 -11.65
C GLU A 11 17.11 -23.97 -10.97
N SER A 12 17.08 -23.99 -9.64
CA SER A 12 17.72 -22.98 -8.81
C SER A 12 17.08 -21.60 -8.90
N GLY A 13 15.91 -21.53 -9.54
CA GLY A 13 15.19 -20.26 -9.66
C GLY A 13 15.84 -19.28 -10.60
N LEU A 14 16.66 -19.80 -11.52
CA LEU A 14 17.51 -18.94 -12.36
C LEU A 14 16.75 -18.14 -13.42
N SER A 15 15.58 -18.64 -13.83
CA SER A 15 14.75 -17.97 -14.80
C SER A 15 13.29 -18.40 -14.62
N GLN A 16 12.38 -17.60 -15.16
CA GLN A 16 10.96 -17.89 -15.13
C GLN A 16 10.37 -17.59 -16.50
N LYS A 17 9.40 -18.38 -16.93
CA LYS A 17 8.73 -18.09 -18.19
C LYS A 17 7.92 -16.81 -18.06
N HIS A 18 8.05 -15.93 -19.04
CA HIS A 18 7.41 -14.62 -18.99
C HIS A 18 5.89 -14.74 -18.87
N LEU A 19 5.33 -15.82 -19.41
CA LEU A 19 3.88 -16.05 -19.33
C LEU A 19 3.34 -16.03 -17.90
N ILE A 20 4.19 -16.27 -16.91
CA ILE A 20 3.68 -16.32 -15.54
C ILE A 20 3.07 -14.99 -15.12
N HIS A 21 3.47 -13.88 -15.74
CA HIS A 21 2.88 -12.58 -15.42
C HIS A 21 1.63 -12.26 -16.24
N GLY A 22 1.27 -13.13 -17.18
CA GLY A 22 0.17 -12.82 -18.07
C GLY A 22 -0.90 -13.89 -18.25
N ASP A 23 -0.61 -15.13 -17.87
CA ASP A 23 -1.50 -16.25 -18.24
C ASP A 23 -2.67 -16.33 -17.26
N GLU A 24 -3.90 -16.17 -17.77
CA GLU A 24 -5.07 -16.17 -16.90
C GLU A 24 -5.39 -17.54 -16.34
N GLU A 25 -5.13 -18.60 -17.11
CA GLU A 25 -5.34 -19.95 -16.58
C GLU A 25 -4.41 -20.20 -15.40
N LEU A 26 -3.17 -19.72 -15.49
CA LEU A 26 -2.24 -19.85 -14.37
C LEU A 26 -2.69 -19.01 -13.18
N PHE A 27 -3.24 -17.83 -13.46
CA PHE A 27 -3.77 -17.00 -12.39
C PHE A 27 -4.85 -17.76 -11.63
N GLN A 28 -5.75 -18.41 -12.36
CA GLN A 28 -6.79 -19.20 -11.74
C GLN A 28 -6.20 -20.34 -10.91
N HIS A 29 -5.14 -20.96 -11.44
CA HIS A 29 -4.45 -22.03 -10.73
C HIS A 29 -3.75 -21.49 -9.47
N GLU A 30 -3.24 -20.26 -9.52
CA GLU A 30 -2.62 -19.64 -8.34
C GLU A 30 -3.63 -19.40 -7.23
N LEU A 31 -4.89 -19.16 -7.59
CA LEU A 31 -5.92 -19.00 -6.57
C LEU A 31 -5.97 -20.22 -5.68
N LYS A 32 -5.84 -21.39 -6.29
CA LYS A 32 -5.85 -22.65 -5.55
C LYS A 32 -4.52 -22.97 -4.86
N THR A 33 -3.43 -22.94 -5.62
CA THR A 33 -2.12 -23.40 -5.12
C THR A 33 -1.27 -22.34 -4.42
N ILE A 34 -1.60 -21.07 -4.60
CA ILE A 34 -0.86 -20.01 -3.91
C ILE A 34 -1.72 -19.37 -2.83
N PHE A 35 -2.83 -18.76 -3.23
CA PHE A 35 -3.63 -17.95 -2.31
C PHE A 35 -4.49 -18.74 -1.33
N ALA A 36 -5.01 -19.89 -1.74
CA ALA A 36 -5.82 -20.69 -0.82
C ALA A 36 -4.95 -21.55 0.07
N ARG A 37 -3.65 -21.55 -0.19
CA ARG A 37 -2.73 -22.44 0.51
C ARG A 37 -1.82 -21.74 1.53
N ASN A 38 -1.51 -20.48 1.26
CA ASN A 38 -0.47 -19.79 2.03
C ASN A 38 -1.01 -18.72 2.97
N TRP A 39 -0.12 -18.16 3.80
CA TRP A 39 -0.50 -17.15 4.76
C TRP A 39 -0.59 -15.79 4.08
N LEU A 40 -1.69 -15.08 4.35
CA LEU A 40 -1.96 -13.81 3.69
C LEU A 40 -2.25 -12.74 4.73
N PHE A 41 -1.75 -11.53 4.51
CA PHE A 41 -1.91 -10.50 5.52
C PHE A 41 -3.35 -10.00 5.62
N LEU A 42 -3.85 -9.92 6.85
CA LEU A 42 -5.21 -9.43 7.11
C LEU A 42 -5.25 -8.01 7.69
N THR A 43 -4.66 -7.83 8.87
CA THR A 43 -4.78 -6.57 9.58
C THR A 43 -3.75 -6.53 10.70
N HIS A 44 -3.80 -5.49 11.54
CA HIS A 44 -2.95 -5.39 12.70
C HIS A 44 -3.81 -5.20 13.95
N ASP A 45 -3.31 -5.64 15.11
CA ASP A 45 -3.99 -5.42 16.37
C ASP A 45 -4.43 -3.96 16.53
N SER A 46 -3.58 -3.05 16.06
CA SER A 46 -3.81 -1.62 16.23
C SER A 46 -5.04 -1.13 15.48
N LEU A 47 -5.49 -1.91 14.49
CA LEU A 47 -6.65 -1.53 13.69
C LEU A 47 -7.95 -2.14 14.20
N ILE A 48 -7.85 -3.23 14.96
CA ILE A 48 -9.03 -3.81 15.61
C ILE A 48 -8.75 -4.15 17.07
N PRO A 49 -8.45 -3.13 17.89
CA PRO A 49 -7.98 -3.41 19.24
C PRO A 49 -9.06 -3.81 20.23
N ALA A 50 -10.31 -3.39 20.00
CA ALA A 50 -11.36 -3.59 20.99
C ALA A 50 -12.35 -4.66 20.54
N PRO A 51 -13.00 -5.34 21.50
CA PRO A 51 -14.03 -6.32 21.15
C PRO A 51 -15.09 -5.71 20.25
N GLY A 52 -15.44 -6.40 19.18
CA GLY A 52 -16.41 -5.90 18.22
C GLY A 52 -15.78 -5.17 17.04
N ASP A 53 -14.55 -4.69 17.19
CA ASP A 53 -13.89 -4.03 16.07
C ASP A 53 -13.69 -5.02 14.94
N TYR A 54 -13.94 -4.57 13.72
CA TYR A 54 -13.71 -5.40 12.54
C TYR A 54 -13.17 -4.59 11.37
N VAL A 55 -12.55 -5.30 10.44
CA VAL A 55 -12.21 -4.73 9.15
C VAL A 55 -12.56 -5.75 8.08
N THR A 56 -12.65 -5.31 6.84
CA THR A 56 -12.69 -6.25 5.73
C THR A 56 -11.29 -6.31 5.11
N ALA A 57 -10.98 -7.46 4.53
CA ALA A 57 -9.67 -7.67 3.89
C ALA A 57 -9.87 -8.61 2.72
N LYS A 58 -8.97 -8.56 1.75
CA LYS A 58 -8.96 -9.56 0.69
C LYS A 58 -8.02 -10.71 1.09
N MET A 59 -8.40 -11.92 0.70
CA MET A 59 -7.49 -13.06 0.73
C MET A 59 -7.58 -13.66 -0.65
N GLY A 60 -6.56 -13.42 -1.48
CA GLY A 60 -6.70 -13.71 -2.89
C GLY A 60 -7.80 -12.83 -3.45
N ILE A 61 -8.71 -13.41 -4.23
CA ILE A 61 -9.87 -12.65 -4.73
C ILE A 61 -11.06 -12.71 -3.77
N ASP A 62 -10.94 -13.49 -2.70
CA ASP A 62 -12.02 -13.57 -1.72
C ASP A 62 -11.99 -12.39 -0.76
N GLU A 63 -13.16 -12.03 -0.21
CA GLU A 63 -13.20 -11.00 0.81
C GLU A 63 -13.60 -11.61 2.14
N VAL A 64 -12.89 -11.22 3.20
CA VAL A 64 -13.21 -11.72 4.54
C VAL A 64 -13.51 -10.59 5.52
N ILE A 65 -14.27 -10.93 6.56
CA ILE A 65 -14.51 -10.05 7.70
C ILE A 65 -13.56 -10.53 8.80
N VAL A 66 -12.78 -9.62 9.38
CA VAL A 66 -11.80 -9.97 10.41
C VAL A 66 -12.23 -9.26 11.70
N SER A 67 -12.60 -10.03 12.72
CA SER A 67 -13.27 -9.46 13.88
C SER A 67 -12.62 -9.81 15.22
N ARG A 68 -12.48 -8.79 16.08
CA ARG A 68 -11.99 -9.01 17.44
C ARG A 68 -13.11 -9.60 18.28
N GLN A 69 -12.85 -10.79 18.83
CA GLN A 69 -13.82 -11.51 19.64
C GLN A 69 -13.80 -10.99 21.08
N ASN A 70 -14.84 -11.32 21.83
CA ASN A 70 -14.92 -10.89 23.21
C ASN A 70 -13.81 -11.44 24.09
N ASP A 71 -13.30 -12.62 23.74
CA ASP A 71 -12.24 -13.25 24.52
C ASP A 71 -10.84 -12.73 24.14
N GLY A 72 -10.80 -11.79 23.21
CA GLY A 72 -9.56 -11.12 22.85
C GLY A 72 -8.90 -11.70 21.61
N SER A 73 -9.41 -12.83 21.14
CA SER A 73 -8.88 -13.47 19.94
C SER A 73 -9.44 -12.79 18.70
N ILE A 74 -8.95 -13.20 17.54
CA ILE A 74 -9.45 -12.70 16.27
C ILE A 74 -9.90 -13.88 15.42
N ARG A 75 -11.09 -13.77 14.84
CA ARG A 75 -11.58 -14.77 13.89
C ARG A 75 -11.93 -14.08 12.57
N ALA A 76 -11.83 -14.82 11.48
CA ALA A 76 -12.11 -14.27 10.16
C ALA A 76 -13.07 -15.15 9.40
N PHE A 77 -13.97 -14.53 8.64
CA PHE A 77 -15.03 -15.25 7.94
C PHE A 77 -15.22 -14.70 6.55
N LEU A 78 -15.60 -15.55 5.61
CA LEU A 78 -15.98 -15.10 4.27
C LEU A 78 -17.09 -14.06 4.40
N ASN A 79 -16.96 -12.97 3.66
CA ASN A 79 -17.96 -11.89 3.66
C ASN A 79 -19.11 -12.22 2.71
N VAL A 80 -19.76 -13.35 2.98
CA VAL A 80 -20.77 -13.91 2.10
C VAL A 80 -21.86 -14.55 2.95
N CYS A 81 -23.10 -14.14 2.73
CA CYS A 81 -24.21 -14.66 3.50
C CYS A 81 -24.47 -16.14 3.17
N ARG A 82 -24.78 -16.94 4.20
CA ARG A 82 -25.00 -18.37 4.04
C ARG A 82 -26.36 -18.71 3.44
N HIS A 83 -27.20 -17.69 3.23
CA HIS A 83 -28.52 -17.92 2.64
C HIS A 83 -28.44 -17.90 1.11
N ARG A 84 -28.51 -16.72 0.49
CA ARG A 84 -28.42 -16.64 -0.98
C ARG A 84 -27.15 -15.93 -1.47
N GLY A 85 -26.13 -15.82 -0.61
CA GLY A 85 -24.80 -15.44 -1.07
C GLY A 85 -24.49 -13.97 -1.27
N LYS A 86 -25.31 -13.09 -0.72
CA LYS A 86 -25.08 -11.65 -0.81
C LYS A 86 -23.86 -11.25 0.03
N THR A 87 -23.18 -10.18 -0.37
CA THR A 87 -22.06 -9.68 0.43
C THR A 87 -22.59 -9.08 1.74
N LEU A 88 -22.09 -9.58 2.87
CA LEU A 88 -22.64 -9.20 4.16
C LEU A 88 -22.27 -7.76 4.58
N VAL A 89 -20.98 -7.44 4.50
CA VAL A 89 -20.48 -6.17 4.99
C VAL A 89 -19.95 -5.31 3.84
N SER A 90 -20.43 -4.07 3.76
CA SER A 90 -20.10 -3.19 2.65
C SER A 90 -19.13 -2.08 3.03
N VAL A 91 -18.75 -2.04 4.29
CA VAL A 91 -17.81 -1.02 4.76
C VAL A 91 -16.43 -1.65 4.98
N GLU A 92 -15.44 -0.81 5.26
CA GLU A 92 -14.06 -1.28 5.38
C GLU A 92 -13.65 -1.54 6.85
N ALA A 93 -14.30 -0.85 7.78
CA ALA A 93 -13.96 -0.95 9.20
C ALA A 93 -15.13 -0.49 10.06
N GLY A 94 -15.18 -0.95 11.29
CA GLY A 94 -16.21 -0.50 12.22
C GLY A 94 -16.19 -1.30 13.51
N ASN A 95 -17.26 -1.14 14.28
CA ASN A 95 -17.44 -1.89 15.51
C ASN A 95 -18.89 -2.38 15.60
N ALA A 96 -19.07 -3.68 15.75
CA ALA A 96 -20.41 -4.27 15.81
C ALA A 96 -20.38 -5.62 16.53
N LYS A 97 -21.52 -6.01 17.08
CA LYS A 97 -21.65 -7.30 17.74
C LYS A 97 -22.07 -8.36 16.74
N GLY A 98 -22.40 -7.90 15.54
CA GLY A 98 -22.88 -8.79 14.51
C GLY A 98 -23.11 -8.08 13.20
N PHE A 99 -23.50 -8.85 12.19
CA PHE A 99 -23.69 -8.34 10.85
C PHE A 99 -25.02 -8.87 10.33
N VAL A 100 -25.89 -7.96 9.89
CA VAL A 100 -27.19 -8.34 9.34
C VAL A 100 -27.21 -8.20 7.82
N CYS A 101 -27.66 -9.25 7.14
CA CYS A 101 -27.72 -9.22 5.68
C CYS A 101 -28.86 -8.36 5.17
N SER A 102 -28.57 -7.52 4.19
CA SER A 102 -29.56 -6.58 3.68
C SER A 102 -30.55 -7.21 2.70
N TYR A 103 -30.41 -8.50 2.43
CA TYR A 103 -31.31 -9.16 1.50
C TYR A 103 -32.55 -9.67 2.24
N HIS A 104 -32.39 -10.69 3.09
CA HIS A 104 -33.53 -11.23 3.84
C HIS A 104 -33.36 -11.08 5.35
N GLY A 105 -32.33 -10.36 5.77
CA GLY A 105 -32.20 -9.97 7.17
C GLY A 105 -31.61 -10.98 8.13
N TRP A 106 -30.93 -12.01 7.62
CA TRP A 106 -30.27 -12.97 8.51
C TRP A 106 -29.19 -12.25 9.30
N GLY A 107 -29.11 -12.57 10.60
CA GLY A 107 -28.18 -11.90 11.49
C GLY A 107 -27.10 -12.84 11.99
N PHE A 108 -25.85 -12.48 11.72
CA PHE A 108 -24.70 -13.28 12.12
C PHE A 108 -23.94 -12.58 13.23
N GLY A 109 -23.41 -13.35 14.17
CA GLY A 109 -22.61 -12.77 15.24
C GLY A 109 -21.20 -12.41 14.78
N SER A 110 -20.51 -11.63 15.60
CA SER A 110 -19.09 -11.35 15.38
C SER A 110 -18.28 -12.64 15.39
N ASN A 111 -18.85 -13.69 15.98
CA ASN A 111 -18.23 -15.00 16.00
C ASN A 111 -18.65 -15.88 14.83
N GLY A 112 -19.32 -15.28 13.85
CA GLY A 112 -19.71 -16.00 12.65
C GLY A 112 -20.99 -16.82 12.76
N GLU A 113 -21.52 -16.99 13.98
CA GLU A 113 -22.69 -17.83 14.17
C GLU A 113 -23.95 -17.21 13.59
N LEU A 114 -24.81 -18.04 12.99
CA LEU A 114 -26.11 -17.54 12.59
C LEU A 114 -26.97 -17.39 13.85
N GLN A 115 -27.23 -16.14 14.23
CA GLN A 115 -27.89 -15.86 15.50
C GLN A 115 -29.38 -15.62 15.36
N SER A 116 -29.79 -15.05 14.24
CA SER A 116 -31.19 -14.70 14.09
C SER A 116 -31.62 -14.76 12.64
N VAL A 117 -32.86 -15.17 12.45
CA VAL A 117 -33.45 -15.29 11.13
C VAL A 117 -34.83 -14.68 11.30
N PRO A 118 -35.17 -13.67 10.48
CA PRO A 118 -36.46 -12.99 10.67
C PRO A 118 -37.63 -13.97 10.61
N PHE A 119 -38.52 -13.88 11.61
CA PHE A 119 -39.72 -14.70 11.67
C PHE A 119 -39.43 -16.20 11.62
N GLU A 120 -38.33 -16.62 12.24
CA GLU A 120 -37.89 -18.00 12.14
C GLU A 120 -38.98 -18.99 12.56
N LYS A 121 -39.60 -18.74 13.71
CA LYS A 121 -40.66 -19.60 14.21
C LYS A 121 -41.81 -19.78 13.20
N ASP A 122 -42.29 -18.69 12.63
CA ASP A 122 -43.43 -18.75 11.71
C ASP A 122 -43.07 -19.37 10.37
N LEU A 123 -41.82 -19.21 9.96
CA LEU A 123 -41.40 -19.59 8.61
C LEU A 123 -40.70 -20.93 8.57
N TYR A 124 -39.66 -21.07 9.38
CA TYR A 124 -38.87 -22.30 9.39
C TYR A 124 -39.33 -23.29 10.45
N GLY A 125 -40.08 -22.80 11.43
CA GLY A 125 -40.43 -23.62 12.57
C GLY A 125 -39.15 -24.03 13.29
N GLU A 126 -38.98 -25.33 13.51
CA GLU A 126 -37.78 -25.84 14.16
C GLU A 126 -36.83 -26.52 13.17
N SER A 127 -37.07 -26.33 11.88
CA SER A 127 -36.35 -27.09 10.86
C SER A 127 -35.03 -26.48 10.42
N LEU A 128 -34.83 -25.20 10.70
CA LEU A 128 -33.59 -24.53 10.29
C LEU A 128 -32.48 -24.83 11.29
N ASN A 129 -31.45 -25.53 10.85
CA ASN A 129 -30.34 -25.86 11.72
C ASN A 129 -29.28 -24.77 11.69
N LYS A 130 -29.52 -23.72 12.48
CA LYS A 130 -28.64 -22.55 12.48
C LYS A 130 -27.21 -22.88 12.87
N LYS A 131 -27.03 -23.94 13.63
CA LYS A 131 -25.70 -24.40 14.03
C LYS A 131 -24.81 -24.77 12.85
N CYS A 132 -25.43 -25.14 11.74
CA CYS A 132 -24.69 -25.56 10.54
C CYS A 132 -24.61 -24.43 9.54
N LEU A 133 -25.08 -23.25 9.93
CA LEU A 133 -25.21 -22.15 8.98
C LEU A 133 -24.36 -20.95 9.36
N GLY A 134 -23.30 -21.18 10.11
CA GLY A 134 -22.36 -20.11 10.44
C GLY A 134 -21.56 -19.69 9.22
N LEU A 135 -21.07 -18.46 9.23
CA LEU A 135 -20.25 -17.99 8.11
C LEU A 135 -19.05 -18.91 7.89
N LYS A 136 -18.63 -19.05 6.63
CA LYS A 136 -17.50 -19.90 6.30
C LYS A 136 -16.24 -19.31 6.89
N GLU A 137 -15.62 -20.03 7.82
CA GLU A 137 -14.54 -19.44 8.62
C GLU A 137 -13.17 -19.71 8.02
N VAL A 138 -12.30 -18.72 8.07
CA VAL A 138 -10.89 -18.89 7.72
C VAL A 138 -10.27 -19.84 8.74
N ALA A 139 -9.73 -20.95 8.27
CA ALA A 139 -9.26 -22.04 9.14
C ALA A 139 -8.19 -21.60 10.12
N ARG A 140 -7.23 -20.80 9.65
CA ARG A 140 -6.07 -20.45 10.43
C ARG A 140 -5.91 -18.94 10.51
N VAL A 141 -5.79 -18.42 11.73
CA VAL A 141 -5.50 -17.01 11.93
C VAL A 141 -4.46 -16.88 13.04
N GLU A 142 -3.30 -16.31 12.69
CA GLU A 142 -2.21 -16.21 13.65
C GLU A 142 -1.58 -14.81 13.63
N SER A 143 -0.83 -14.50 14.68
CA SER A 143 -0.24 -13.19 14.82
C SER A 143 1.28 -13.27 14.85
N PHE A 144 1.94 -12.35 14.14
CA PHE A 144 3.37 -12.11 14.28
C PHE A 144 3.53 -10.70 14.87
N HIS A 145 3.68 -10.63 16.18
CA HIS A 145 3.88 -9.38 16.91
C HIS A 145 2.85 -8.30 16.56
N GLY A 146 1.59 -8.71 16.49
CA GLY A 146 0.49 -7.80 16.23
C GLY A 146 0.02 -7.81 14.80
N PHE A 147 0.85 -8.34 13.90
CA PHE A 147 0.48 -8.42 12.49
C PHE A 147 -0.26 -9.73 12.26
N ILE A 148 -1.51 -9.62 11.81
CA ILE A 148 -2.43 -10.74 11.75
C ILE A 148 -2.50 -11.31 10.34
N TYR A 149 -2.25 -12.60 10.21
CA TYR A 149 -2.30 -13.28 8.92
C TYR A 149 -3.34 -14.39 8.94
N GLY A 150 -3.90 -14.71 7.79
CA GLY A 150 -4.85 -15.78 7.68
C GLY A 150 -4.46 -16.81 6.64
N CYS A 151 -4.98 -18.01 6.80
CA CYS A 151 -4.73 -19.07 5.83
C CYS A 151 -5.95 -19.97 5.73
N PHE A 152 -6.42 -20.21 4.51
CA PHE A 152 -7.58 -21.08 4.31
C PHE A 152 -7.27 -22.56 4.50
N ASP A 153 -5.98 -22.92 4.46
CA ASP A 153 -5.56 -24.31 4.51
C ASP A 153 -5.15 -24.72 5.92
N GLN A 154 -5.95 -25.60 6.54
CA GLN A 154 -5.70 -26.08 7.90
C GLN A 154 -4.34 -26.78 8.01
N GLU A 155 -3.81 -27.25 6.88
CA GLU A 155 -2.57 -28.03 6.86
C GLU A 155 -1.29 -27.19 6.83
N ALA A 156 -1.43 -25.88 6.69
CA ALA A 156 -0.28 -24.98 6.64
C ALA A 156 0.62 -25.09 7.88
N PRO A 157 1.93 -24.81 7.71
CA PRO A 157 2.80 -24.68 8.88
C PRO A 157 2.36 -23.47 9.70
N PRO A 158 2.65 -23.48 11.01
CA PRO A 158 2.39 -22.28 11.81
C PRO A 158 3.06 -21.07 11.17
N LEU A 159 2.47 -19.88 11.35
CA LEU A 159 3.00 -18.66 10.75
C LEU A 159 4.50 -18.46 11.05
N MET A 160 4.90 -18.71 12.28
CA MET A 160 6.30 -18.54 12.64
C MET A 160 7.21 -19.46 11.84
N ASP A 161 6.84 -20.73 11.70
CA ASP A 161 7.65 -21.66 10.91
C ASP A 161 7.65 -21.25 9.44
N TYR A 162 6.52 -20.74 8.98
CA TYR A 162 6.36 -20.33 7.58
C TYR A 162 7.27 -19.17 7.24
N LEU A 163 7.51 -18.28 8.21
CA LEU A 163 8.43 -17.17 8.01
C LEU A 163 9.87 -17.68 7.89
N GLY A 164 10.12 -18.87 8.44
CA GLY A 164 11.42 -19.51 8.36
C GLY A 164 12.56 -18.60 8.78
N ASP A 165 13.62 -18.58 7.97
CA ASP A 165 14.78 -17.77 8.27
C ASP A 165 14.56 -16.25 8.20
N ALA A 166 13.51 -15.82 7.51
CA ALA A 166 13.19 -14.39 7.45
C ALA A 166 12.82 -13.81 8.83
N ALA A 167 12.24 -14.64 9.70
CA ALA A 167 11.79 -14.17 11.00
C ALA A 167 12.92 -13.54 11.81
N TRP A 168 14.11 -14.13 11.74
CA TRP A 168 15.26 -13.66 12.49
C TRP A 168 15.61 -12.20 12.16
N TYR A 169 15.48 -11.85 10.88
CA TYR A 169 15.75 -10.51 10.40
C TYR A 169 14.65 -9.51 10.80
N LEU A 170 13.40 -9.97 10.82
CA LEU A 170 12.26 -9.11 11.16
C LEU A 170 12.16 -8.80 12.67
N GLU A 171 12.58 -9.75 13.49
CA GLU A 171 12.38 -9.64 14.93
C GLU A 171 12.93 -8.37 15.62
N PRO A 172 14.13 -7.90 15.23
CA PRO A 172 14.59 -6.69 15.94
C PRO A 172 13.63 -5.51 15.81
N MET A 173 13.13 -5.26 14.60
CA MET A 173 12.13 -4.21 14.39
C MET A 173 10.72 -4.61 14.88
N PHE A 174 10.32 -5.85 14.64
CA PHE A 174 8.93 -6.24 14.98
C PHE A 174 8.72 -6.57 16.45
N LYS A 175 9.77 -7.00 17.11
CA LYS A 175 9.67 -7.45 18.49
C LYS A 175 10.49 -6.59 19.44
N HIS A 176 11.79 -6.52 19.17
CA HIS A 176 12.71 -5.94 20.15
C HIS A 176 12.65 -4.41 20.23
N SER A 177 12.03 -3.79 19.23
CA SER A 177 11.84 -2.34 19.24
C SER A 177 10.77 -1.93 20.24
N GLY A 178 10.09 -2.91 20.83
CA GLY A 178 8.96 -2.61 21.70
C GLY A 178 7.63 -2.81 20.98
N GLY A 179 7.70 -3.02 19.67
CA GLY A 179 6.51 -3.29 18.88
C GLY A 179 6.15 -2.21 17.88
N LEU A 180 5.47 -2.63 16.82
CA LEU A 180 5.03 -1.71 15.77
C LEU A 180 3.52 -1.54 15.81
N GLU A 181 3.05 -0.42 15.27
CA GLU A 181 1.64 -0.19 15.01
C GLU A 181 1.47 0.02 13.53
N LEU A 182 0.34 -0.42 13.00
CA LEU A 182 0.00 -0.16 11.61
C LEU A 182 -0.92 1.05 11.61
N VAL A 183 -0.57 2.06 10.82
CA VAL A 183 -1.38 3.27 10.71
C VAL A 183 -2.28 3.15 9.50
N GLY A 184 -3.59 3.16 9.73
CA GLY A 184 -4.56 3.13 8.66
C GLY A 184 -5.24 4.48 8.52
N PRO A 185 -6.21 4.58 7.60
CA PRO A 185 -6.57 3.52 6.67
C PRO A 185 -5.53 3.46 5.57
N PRO A 186 -5.52 2.37 4.79
CA PRO A 186 -4.52 2.27 3.74
C PRO A 186 -4.93 3.07 2.51
N GLY A 187 -3.94 3.49 1.72
CA GLY A 187 -4.26 3.95 0.38
C GLY A 187 -4.62 2.73 -0.44
N LYS A 188 -5.49 2.91 -1.44
CA LYS A 188 -5.89 1.81 -2.31
C LYS A 188 -5.91 2.24 -3.78
N VAL A 189 -5.10 1.60 -4.61
CA VAL A 189 -5.02 1.92 -6.03
C VAL A 189 -4.90 0.66 -6.86
N VAL A 190 -5.60 0.64 -8.00
CA VAL A 190 -5.45 -0.46 -8.95
C VAL A 190 -4.34 -0.18 -9.95
N ILE A 191 -3.43 -1.15 -10.11
CA ILE A 191 -2.42 -1.06 -11.17
C ILE A 191 -2.60 -2.19 -12.16
N LYS A 192 -2.17 -1.96 -13.41
CA LYS A 192 -2.33 -2.98 -14.43
C LYS A 192 -1.09 -3.88 -14.52
N ALA A 193 -0.79 -4.50 -13.37
CA ALA A 193 0.37 -5.38 -13.27
C ALA A 193 -0.06 -6.67 -12.60
N ASN A 194 0.71 -7.73 -12.84
CA ASN A 194 0.54 -8.98 -12.10
C ASN A 194 1.04 -8.77 -10.68
N TRP A 195 0.41 -9.41 -9.71
CA TRP A 195 0.82 -9.27 -8.31
C TRP A 195 2.28 -9.64 -8.07
N LYS A 196 2.81 -10.54 -8.91
CA LYS A 196 4.19 -11.01 -8.73
C LYS A 196 5.21 -9.95 -9.11
N ALA A 197 4.82 -9.00 -9.96
CA ALA A 197 5.77 -7.97 -10.35
C ALA A 197 6.21 -7.09 -9.17
N PRO A 198 5.24 -6.51 -8.41
CA PRO A 198 5.70 -5.80 -7.21
C PRO A 198 6.22 -6.71 -6.11
N ALA A 199 5.68 -7.92 -5.98
CA ALA A 199 6.17 -8.84 -4.95
C ALA A 199 7.65 -9.15 -5.15
N GLU A 200 8.05 -9.38 -6.39
CA GLU A 200 9.44 -9.74 -6.67
C GLU A 200 10.35 -8.51 -6.50
N ASN A 201 9.79 -7.35 -6.80
CA ASN A 201 10.55 -6.11 -6.74
C ASN A 201 10.91 -5.80 -5.29
N PHE A 202 9.92 -5.92 -4.40
CA PHE A 202 10.18 -5.68 -2.98
C PHE A 202 10.99 -6.78 -2.32
N VAL A 203 10.88 -8.01 -2.81
CA VAL A 203 11.58 -9.12 -2.14
C VAL A 203 13.10 -9.07 -2.35
N GLY A 204 13.56 -8.58 -3.48
CA GLY A 204 14.97 -8.71 -3.77
C GLY A 204 15.59 -7.77 -4.77
N ASP A 205 14.91 -6.68 -5.10
CA ASP A 205 15.39 -5.80 -6.16
C ASP A 205 16.01 -4.50 -5.66
N ALA A 206 17.28 -4.56 -5.29
CA ALA A 206 18.03 -3.34 -5.01
C ALA A 206 18.65 -2.76 -6.28
N TYR A 207 18.85 -3.62 -7.29
CA TYR A 207 19.50 -3.23 -8.54
C TYR A 207 18.74 -2.09 -9.22
N HIS A 208 17.41 -2.11 -9.11
CA HIS A 208 16.60 -1.12 -9.84
C HIS A 208 16.65 0.27 -9.23
N VAL A 209 16.99 0.39 -7.96
CA VAL A 209 16.76 1.63 -7.22
C VAL A 209 17.43 2.86 -7.83
N GLY A 210 18.74 2.78 -8.10
CA GLY A 210 19.46 3.91 -8.66
C GLY A 210 18.94 4.39 -10.01
N TRP A 211 18.46 3.47 -10.83
CA TRP A 211 18.02 3.83 -12.16
C TRP A 211 16.53 4.15 -12.21
N THR A 212 15.69 3.21 -11.78
CA THR A 212 14.25 3.47 -11.72
C THR A 212 13.92 4.73 -10.93
N HIS A 213 14.54 4.87 -9.76
CA HIS A 213 14.19 5.96 -8.85
C HIS A 213 15.15 7.13 -8.91
N ALA A 214 15.90 7.25 -10.01
CA ALA A 214 16.86 8.33 -10.18
C ALA A 214 16.26 9.70 -9.85
N SER A 215 15.08 9.99 -10.40
CA SER A 215 14.43 11.27 -10.17
C SER A 215 13.97 11.47 -8.72
N SER A 216 13.50 10.40 -8.09
CA SER A 216 13.02 10.48 -6.71
C SER A 216 14.17 10.65 -5.74
N LEU A 217 15.27 9.98 -6.04
CA LEU A 217 16.50 10.09 -5.25
C LEU A 217 17.07 11.50 -5.36
N ARG A 218 17.13 12.02 -6.58
CA ARG A 218 17.71 13.34 -6.82
C ARG A 218 16.89 14.48 -6.21
N SER A 219 15.56 14.41 -6.31
CA SER A 219 14.74 15.52 -5.83
C SER A 219 14.30 15.41 -4.36
N GLY A 220 14.35 14.21 -3.79
CA GLY A 220 13.93 14.01 -2.41
C GLY A 220 14.98 14.21 -1.33
N GLU A 221 16.24 13.93 -1.66
CA GLU A 221 17.38 14.09 -0.73
C GLU A 221 17.48 13.01 0.37
N SER A 222 16.78 11.89 0.21
CA SER A 222 16.85 10.78 1.17
C SER A 222 18.28 10.25 1.38
N ILE A 223 18.50 9.37 2.36
CA ILE A 223 19.87 8.86 2.59
C ILE A 223 20.39 7.88 1.53
N PHE A 224 19.51 7.33 0.72
CA PHE A 224 19.96 6.43 -0.34
C PHE A 224 20.28 7.22 -1.60
N SER A 225 20.30 8.55 -1.46
CA SER A 225 20.34 9.47 -2.60
C SER A 225 21.59 9.37 -3.49
N SER A 226 22.69 8.90 -2.92
CA SER A 226 23.92 8.76 -3.68
C SER A 226 23.76 7.83 -4.88
N LEU A 227 22.69 7.05 -4.88
CA LEU A 227 22.46 6.05 -5.90
C LEU A 227 21.90 6.63 -7.21
N ALA A 228 21.43 7.89 -7.16
CA ALA A 228 20.64 8.46 -8.27
C ALA A 228 21.30 8.37 -9.63
N GLY A 229 20.61 7.75 -10.57
CA GLY A 229 21.11 7.61 -11.93
C GLY A 229 22.31 6.71 -12.03
N ASN A 230 22.45 5.78 -11.07
CA ASN A 230 23.63 4.89 -11.02
C ASN A 230 24.94 5.65 -10.99
N ALA A 231 24.94 6.77 -10.28
CA ALA A 231 26.12 7.61 -10.18
C ALA A 231 27.13 6.97 -9.25
N ALA A 232 26.63 6.15 -8.34
CA ALA A 232 27.48 5.52 -7.33
C ALA A 232 26.94 4.18 -6.87
N LEU A 233 27.80 3.16 -6.92
CA LEU A 233 27.45 1.85 -6.38
C LEU A 233 27.63 1.89 -4.87
N PRO A 234 26.72 1.22 -4.13
CA PRO A 234 27.00 1.10 -2.69
C PRO A 234 28.30 0.34 -2.48
N PRO A 235 29.04 0.69 -1.41
CA PRO A 235 30.32 0.03 -1.12
C PRO A 235 30.16 -1.45 -0.82
N GLU A 236 31.27 -2.19 -0.77
CA GLU A 236 31.19 -3.58 -0.34
C GLU A 236 30.69 -3.58 1.10
N GLY A 237 29.98 -4.64 1.48
CA GLY A 237 29.47 -4.76 2.84
C GLY A 237 28.40 -3.73 3.15
N ALA A 238 27.80 -3.15 2.11
CA ALA A 238 26.72 -2.19 2.29
C ALA A 238 25.45 -2.91 2.69
N GLY A 239 25.40 -4.21 2.44
CA GLY A 239 24.23 -4.99 2.80
C GLY A 239 24.29 -6.43 2.36
N LEU A 240 23.13 -7.10 2.44
CA LEU A 240 23.05 -8.49 2.02
C LEU A 240 21.64 -8.79 1.55
N GLN A 241 21.46 -10.01 1.07
CA GLN A 241 20.16 -10.48 0.62
C GLN A 241 19.92 -11.83 1.27
N MET A 242 18.67 -12.15 1.56
CA MET A 242 18.37 -13.47 2.08
C MET A 242 17.08 -14.04 1.50
N THR A 243 16.96 -15.35 1.57
CA THR A 243 15.71 -15.99 1.22
C THR A 243 15.52 -17.23 2.09
N SER A 244 14.34 -17.83 2.00
CA SER A 244 13.93 -18.85 2.95
C SER A 244 13.13 -19.95 2.27
N LYS A 245 12.88 -21.02 3.02
CA LYS A 245 12.25 -22.22 2.48
C LYS A 245 10.87 -21.96 1.89
N TYR A 246 10.07 -21.16 2.59
CA TYR A 246 8.67 -20.98 2.17
C TYR A 246 8.49 -19.73 1.31
N GLY A 247 9.62 -19.17 0.86
CA GLY A 247 9.60 -18.18 -0.19
C GLY A 247 9.80 -16.74 0.22
N SER A 248 9.66 -16.45 1.51
CA SER A 248 9.86 -15.11 2.01
C SER A 248 11.33 -14.75 1.91
N GLY A 249 11.61 -13.47 1.68
CA GLY A 249 12.98 -13.02 1.57
C GLY A 249 13.08 -11.52 1.74
N MET A 250 14.29 -11.01 1.80
CA MET A 250 14.49 -9.58 1.90
C MET A 250 15.91 -9.15 1.58
N GLY A 251 16.05 -7.86 1.29
CA GLY A 251 17.34 -7.23 1.21
C GLY A 251 17.57 -6.46 2.49
N VAL A 252 18.83 -6.29 2.85
CA VAL A 252 19.22 -5.55 4.06
C VAL A 252 20.19 -4.48 3.61
N LEU A 253 19.85 -3.22 3.82
CA LEU A 253 20.79 -2.14 3.58
C LEU A 253 21.24 -1.61 4.95
N TRP A 254 22.47 -1.90 5.32
CA TRP A 254 22.97 -1.55 6.64
C TRP A 254 22.77 -0.07 6.99
N ASP A 255 22.22 0.17 8.19
CA ASP A 255 22.15 1.49 8.80
C ASP A 255 21.13 2.47 8.21
N GLY A 256 20.43 2.07 7.16
CA GLY A 256 19.55 2.97 6.43
C GLY A 256 18.23 3.29 7.10
N TYR A 257 18.30 3.75 8.34
CA TYR A 257 17.11 3.89 9.18
C TYR A 257 16.11 4.98 8.71
N SER A 258 16.60 6.03 8.06
CA SER A 258 15.67 7.05 7.56
C SER A 258 15.09 6.67 6.20
N GLY A 259 15.64 5.63 5.58
CA GLY A 259 15.04 5.05 4.39
C GLY A 259 14.78 6.03 3.25
N VAL A 260 13.58 6.00 2.71
CA VAL A 260 13.24 6.84 1.57
C VAL A 260 12.79 8.23 1.99
N HIS A 261 12.76 8.44 3.31
CA HIS A 261 12.22 9.69 3.82
C HIS A 261 13.07 10.89 3.44
N SER A 262 12.40 11.92 2.94
CA SER A 262 13.08 13.10 2.44
C SER A 262 13.86 13.76 3.57
N ALA A 263 14.80 14.62 3.20
CA ALA A 263 15.71 15.24 4.16
C ALA A 263 15.01 15.82 5.40
N ASP A 264 13.76 16.26 5.25
CA ASP A 264 13.05 16.85 6.38
C ASP A 264 12.85 15.94 7.62
N LEU A 265 13.05 14.62 7.45
CA LEU A 265 12.88 13.64 8.53
C LEU A 265 14.18 12.93 8.90
N VAL A 266 15.20 13.10 8.09
CA VAL A 266 16.44 12.34 8.24
C VAL A 266 17.14 12.49 9.59
N PRO A 267 17.37 13.75 10.05
CA PRO A 267 18.08 13.88 11.33
C PRO A 267 17.31 13.30 12.51
N GLU A 268 16.01 13.54 12.55
CA GLU A 268 15.19 13.06 13.65
C GLU A 268 15.18 11.54 13.70
N LEU A 269 14.99 10.92 12.55
CA LEU A 269 14.96 9.47 12.45
C LEU A 269 16.31 8.86 12.79
N MET A 270 17.39 9.37 12.19
CA MET A 270 18.72 8.81 12.45
C MET A 270 19.10 8.92 13.92
N ALA A 271 18.61 9.98 14.59
CA ALA A 271 18.81 10.10 16.03
C ALA A 271 18.01 9.06 16.80
N PHE A 272 16.74 8.85 16.41
CA PHE A 272 15.84 7.96 17.14
C PHE A 272 16.30 6.50 17.03
N GLY A 273 16.55 6.05 15.80
CA GLY A 273 17.00 4.68 15.58
C GLY A 273 18.34 4.39 16.23
N GLY A 274 19.25 5.35 16.16
CA GLY A 274 20.56 5.19 16.78
C GLY A 274 20.46 5.06 18.28
N ALA A 275 19.59 5.87 18.89
CA ALA A 275 19.41 5.80 20.34
C ALA A 275 18.84 4.45 20.78
N LYS A 276 17.86 3.95 20.03
CA LYS A 276 17.27 2.65 20.39
C LYS A 276 18.27 1.52 20.15
N GLN A 277 19.04 1.63 19.06
CA GLN A 277 20.09 0.67 18.78
C GLN A 277 21.09 0.56 19.93
N GLU A 278 21.42 1.68 20.55
CA GLU A 278 22.38 1.65 21.65
C GLU A 278 21.83 0.87 22.85
N ARG A 279 20.53 0.96 23.08
CA ARG A 279 19.90 0.19 24.13
C ARG A 279 19.82 -1.30 23.76
N LEU A 280 19.55 -1.58 22.50
CA LEU A 280 19.36 -2.95 22.03
C LEU A 280 20.67 -3.76 21.97
N ASN A 281 21.81 -3.08 21.83
CA ASN A 281 23.10 -3.76 21.80
C ASN A 281 23.22 -4.70 22.98
N LYS A 282 22.76 -4.24 24.14
CA LYS A 282 22.91 -4.95 25.39
C LYS A 282 21.92 -6.10 25.53
N GLU A 283 20.85 -6.06 24.75
CA GLU A 283 19.77 -7.03 24.89
C GLU A 283 19.85 -8.14 23.84
N ILE A 284 20.17 -7.77 22.60
CA ILE A 284 20.15 -8.73 21.50
C ILE A 284 21.48 -8.82 20.74
N GLY A 285 22.47 -8.05 21.18
CA GLY A 285 23.79 -8.11 20.57
C GLY A 285 23.95 -7.06 19.49
N ASP A 286 25.19 -6.71 19.17
CA ASP A 286 25.46 -5.65 18.20
C ASP A 286 24.87 -5.90 16.81
N VAL A 287 25.03 -7.11 16.28
CA VAL A 287 24.56 -7.41 14.93
C VAL A 287 23.05 -7.23 14.81
N ARG A 288 22.30 -7.79 15.76
CA ARG A 288 20.85 -7.69 15.66
C ARG A 288 20.32 -6.29 15.98
N ALA A 289 21.01 -5.58 16.87
CA ALA A 289 20.64 -4.19 17.13
C ALA A 289 20.87 -3.34 15.89
N ARG A 290 21.89 -3.70 15.11
CA ARG A 290 22.18 -3.00 13.87
C ARG A 290 21.12 -3.32 12.82
N ILE A 291 20.70 -4.57 12.77
CA ILE A 291 19.63 -4.99 11.86
C ILE A 291 18.34 -4.22 12.15
N TYR A 292 18.02 -4.02 13.42
CA TYR A 292 16.86 -3.20 13.79
C TYR A 292 16.83 -1.88 13.02
N ARG A 293 17.96 -1.19 12.98
CA ARG A 293 18.00 0.13 12.33
C ARG A 293 18.56 0.08 10.92
N SER A 294 18.43 -1.09 10.30
CA SER A 294 18.80 -1.27 8.90
C SER A 294 17.55 -1.44 8.04
N HIS A 295 17.62 -0.90 6.82
CA HIS A 295 16.48 -0.87 5.91
C HIS A 295 16.27 -2.26 5.32
N LEU A 296 15.11 -2.86 5.60
CA LEU A 296 14.79 -4.18 5.05
C LEU A 296 13.72 -4.04 3.98
N ASN A 297 14.02 -4.47 2.76
CA ASN A 297 12.99 -4.59 1.74
C ASN A 297 12.57 -6.05 1.67
N CYS A 298 11.35 -6.35 2.11
CA CYS A 298 10.94 -7.73 2.35
C CYS A 298 9.62 -8.06 1.68
N THR A 299 9.51 -9.28 1.15
CA THR A 299 8.21 -9.83 0.84
C THR A 299 7.96 -11.06 1.71
N VAL A 300 6.84 -11.04 2.42
CA VAL A 300 6.35 -12.21 3.12
C VAL A 300 5.49 -12.94 2.09
N PHE A 301 5.97 -14.09 1.63
CA PHE A 301 5.34 -14.84 0.57
C PHE A 301 3.87 -15.08 0.91
N PRO A 302 2.96 -14.92 -0.08
CA PRO A 302 3.22 -14.57 -1.47
C PRO A 302 3.18 -13.07 -1.79
N ASN A 303 2.28 -12.32 -1.15
CA ASN A 303 1.91 -11.00 -1.68
C ASN A 303 1.84 -9.87 -0.65
N ASN A 304 2.62 -9.98 0.42
CA ASN A 304 2.72 -8.94 1.44
C ASN A 304 4.15 -8.43 1.44
N SER A 305 4.35 -7.12 1.22
CA SER A 305 5.70 -6.57 1.22
C SER A 305 5.86 -5.38 2.16
N MET A 306 7.10 -5.02 2.44
CA MET A 306 7.35 -3.93 3.36
C MET A 306 8.73 -3.36 3.17
N LEU A 307 8.88 -2.10 3.56
CA LEU A 307 10.19 -1.49 3.73
C LEU A 307 10.26 -1.09 5.18
N THR A 308 11.03 -1.80 6.00
CA THR A 308 11.17 -1.38 7.39
C THR A 308 11.98 -0.10 7.39
N CYS A 309 11.86 0.66 8.49
CA CYS A 309 12.51 1.96 8.66
C CYS A 309 11.87 3.05 7.79
N SER A 310 11.74 2.80 6.48
CA SER A 310 10.90 3.64 5.66
C SER A 310 9.46 3.55 6.18
N GLY A 311 9.08 2.38 6.66
CA GLY A 311 7.75 2.19 7.23
C GLY A 311 6.65 1.92 6.23
N VAL A 312 7.01 1.46 5.02
CA VAL A 312 6.03 1.18 3.97
C VAL A 312 5.52 -0.24 4.14
N PHE A 313 4.20 -0.43 4.13
CA PHE A 313 3.61 -1.76 4.28
C PHE A 313 2.57 -1.98 3.17
N LYS A 314 2.76 -3.03 2.38
CA LYS A 314 2.01 -3.24 1.15
C LYS A 314 1.27 -4.56 1.10
N VAL A 315 0.07 -4.55 0.52
CA VAL A 315 -0.56 -5.80 0.11
C VAL A 315 -0.83 -5.72 -1.39
N TRP A 316 -0.33 -6.70 -2.14
CA TRP A 316 -0.59 -6.76 -3.57
C TRP A 316 -1.77 -7.69 -3.85
N ASN A 317 -2.98 -7.14 -3.78
CA ASN A 317 -4.17 -7.97 -3.90
C ASN A 317 -4.49 -8.35 -5.36
N PRO A 318 -4.55 -9.66 -5.63
CA PRO A 318 -4.69 -10.11 -7.02
C PRO A 318 -6.12 -9.92 -7.54
N ILE A 319 -6.26 -9.43 -8.77
CA ILE A 319 -7.57 -9.30 -9.38
C ILE A 319 -7.66 -10.21 -10.62
N ASP A 320 -6.69 -10.06 -11.53
CA ASP A 320 -6.48 -11.02 -12.63
C ASP A 320 -5.02 -10.94 -13.03
N ALA A 321 -4.61 -11.61 -14.11
CA ALA A 321 -3.18 -11.69 -14.39
C ALA A 321 -2.52 -10.35 -14.65
N ASN A 322 -3.28 -9.36 -15.12
CA ASN A 322 -2.70 -8.04 -15.33
C ASN A 322 -3.39 -6.96 -14.50
N THR A 323 -3.96 -7.32 -13.35
CA THR A 323 -4.63 -6.35 -12.51
C THR A 323 -4.39 -6.65 -11.04
N THR A 324 -3.92 -5.65 -10.29
CA THR A 324 -3.58 -5.81 -8.87
C THR A 324 -4.08 -4.59 -8.10
N GLU A 325 -4.71 -4.83 -6.96
CA GLU A 325 -5.17 -3.73 -6.11
C GLU A 325 -4.16 -3.53 -4.98
N VAL A 326 -3.50 -2.39 -5.00
CA VAL A 326 -2.39 -2.12 -4.09
C VAL A 326 -2.88 -1.43 -2.82
N TRP A 327 -2.70 -2.08 -1.67
CA TRP A 327 -3.01 -1.46 -0.39
C TRP A 327 -1.73 -0.99 0.28
N THR A 328 -1.70 0.27 0.73
CA THR A 328 -0.50 0.83 1.33
C THR A 328 -0.76 1.39 2.73
N TYR A 329 -0.14 0.78 3.74
CA TYR A 329 -0.23 1.27 5.11
C TYR A 329 1.11 1.84 5.53
N ALA A 330 1.14 2.56 6.66
CA ALA A 330 2.39 2.97 7.28
C ALA A 330 2.64 2.16 8.55
N ILE A 331 3.88 1.74 8.77
CA ILE A 331 4.25 1.12 10.03
C ILE A 331 5.10 2.09 10.83
N VAL A 332 4.81 2.19 12.12
CA VAL A 332 5.57 3.06 13.01
C VAL A 332 5.88 2.30 14.29
N GLU A 333 6.94 2.72 14.97
CA GLU A 333 7.31 2.13 16.25
C GLU A 333 6.43 2.74 17.35
N LYS A 334 5.83 1.88 18.18
CA LYS A 334 4.87 2.32 19.19
C LYS A 334 5.41 3.43 20.09
N ASP A 335 6.70 3.36 20.43
CA ASP A 335 7.26 4.29 21.39
C ASP A 335 7.81 5.57 20.78
N MET A 336 7.60 5.77 19.48
CA MET A 336 7.91 7.04 18.85
C MET A 336 6.95 8.09 19.35
N PRO A 337 7.41 9.35 19.45
CA PRO A 337 6.50 10.45 19.82
C PRO A 337 5.36 10.52 18.81
N GLU A 338 4.16 10.86 19.27
CA GLU A 338 2.99 10.87 18.39
C GLU A 338 3.17 11.79 17.17
N ASP A 339 3.82 12.94 17.36
CA ASP A 339 3.97 13.88 16.24
C ASP A 339 4.86 13.28 15.16
N LEU A 340 5.84 12.49 15.59
CA LEU A 340 6.74 11.83 14.66
C LEU A 340 6.04 10.69 13.92
N LYS A 341 5.19 9.95 14.63
CA LYS A 341 4.37 8.91 13.99
C LYS A 341 3.51 9.51 12.88
N ARG A 342 2.90 10.66 13.18
CA ARG A 342 2.03 11.32 12.21
C ARG A 342 2.81 11.76 10.97
N ARG A 343 3.98 12.37 11.18
CA ARG A 343 4.77 12.82 10.04
C ARG A 343 5.35 11.66 9.24
N LEU A 344 5.71 10.59 9.95
CA LEU A 344 6.21 9.38 9.30
C LEU A 344 5.12 8.74 8.43
N ALA A 345 3.91 8.64 8.96
CA ALA A 345 2.79 8.09 8.19
C ALA A 345 2.52 8.91 6.93
N ASP A 346 2.50 10.22 7.05
CA ASP A 346 2.31 11.07 5.87
C ASP A 346 3.44 10.87 4.87
N SER A 347 4.67 10.69 5.37
CA SER A 347 5.83 10.55 4.48
C SER A 347 5.82 9.22 3.73
N VAL A 348 5.38 8.16 4.40
CA VAL A 348 5.14 6.89 3.74
C VAL A 348 4.17 7.06 2.56
N GLN A 349 3.07 7.79 2.76
CA GLN A 349 2.13 7.96 1.66
C GLN A 349 2.66 8.89 0.58
N ARG A 350 3.42 9.90 1.01
CA ARG A 350 4.05 10.87 0.12
C ARG A 350 4.98 10.18 -0.88
N THR A 351 5.70 9.17 -0.40
CA THR A 351 6.69 8.48 -1.21
C THR A 351 6.12 7.25 -1.92
N PHE A 352 5.32 6.47 -1.19
CA PHE A 352 4.87 5.18 -1.72
C PHE A 352 3.35 4.96 -1.74
N GLY A 353 2.58 5.99 -1.43
CA GLY A 353 1.12 5.88 -1.43
C GLY A 353 0.51 6.09 -2.80
N PRO A 354 -0.80 6.37 -2.84
CA PRO A 354 -1.51 6.54 -4.13
C PRO A 354 -0.89 7.63 -5.00
N ALA A 355 -0.36 8.67 -4.37
CA ALA A 355 0.38 9.71 -5.09
C ALA A 355 1.85 9.67 -4.65
N GLY A 356 2.33 8.48 -4.33
CA GLY A 356 3.72 8.34 -3.93
C GLY A 356 4.64 8.58 -5.13
N PHE A 357 5.52 9.57 -5.03
CA PHE A 357 6.36 9.85 -6.19
C PHE A 357 7.39 8.76 -6.45
N TRP A 358 7.85 8.08 -5.40
CA TRP A 358 8.71 6.90 -5.61
C TRP A 358 7.93 5.78 -6.31
N GLU A 359 6.76 5.43 -5.77
CA GLU A 359 5.97 4.33 -6.30
C GLU A 359 5.61 4.57 -7.77
N SER A 360 5.41 5.84 -8.13
CA SER A 360 5.08 6.14 -9.52
C SER A 360 6.22 5.77 -10.48
N ASP A 361 7.47 5.88 -10.02
CA ASP A 361 8.62 5.51 -10.85
C ASP A 361 8.52 4.05 -11.29
N ASP A 362 7.83 3.24 -10.47
CA ASP A 362 7.74 1.81 -10.73
C ASP A 362 6.61 1.41 -11.66
N ASN A 363 5.60 2.23 -11.84
CA ASN A 363 4.42 1.83 -12.60
C ASN A 363 4.69 1.20 -13.94
N ASP A 364 5.38 1.93 -14.83
CA ASP A 364 5.58 1.43 -16.19
C ASP A 364 6.38 0.14 -16.18
N ASN A 365 7.37 0.06 -15.29
CA ASN A 365 8.15 -1.14 -15.14
C ASN A 365 7.28 -2.34 -14.82
N MET A 366 6.44 -2.24 -13.82
CA MET A 366 5.67 -3.40 -13.43
C MET A 366 4.50 -3.68 -14.40
N GLU A 367 3.87 -2.62 -14.91
CA GLU A 367 2.75 -2.82 -15.83
C GLU A 367 3.20 -3.42 -17.15
N THR A 368 4.26 -2.88 -17.75
CA THR A 368 4.66 -3.39 -19.06
C THR A 368 5.30 -4.75 -18.97
N ALA A 369 6.08 -5.00 -17.91
CA ALA A 369 6.68 -6.31 -17.74
C ALA A 369 5.58 -7.37 -17.60
N SER A 370 4.51 -7.02 -16.92
CA SER A 370 3.38 -7.93 -16.75
C SER A 370 2.63 -8.12 -18.06
N GLN A 371 2.31 -7.02 -18.72
CA GLN A 371 1.52 -7.09 -19.94
C GLN A 371 2.25 -7.78 -21.09
N ASN A 372 3.58 -7.66 -21.10
CA ASN A 372 4.35 -8.34 -22.15
C ASN A 372 4.27 -9.85 -22.00
N GLY A 373 3.91 -10.32 -20.80
CA GLY A 373 3.76 -11.73 -20.55
C GLY A 373 2.60 -12.37 -21.30
N LYS A 374 1.71 -11.52 -21.83
CA LYS A 374 0.60 -12.00 -22.66
C LYS A 374 0.97 -12.03 -24.14
N LYS A 375 2.00 -11.29 -24.53
CA LYS A 375 2.32 -11.16 -25.95
C LYS A 375 2.90 -12.44 -26.51
N TYR A 376 2.46 -12.80 -27.70
CA TYR A 376 2.74 -14.11 -28.28
C TYR A 376 4.22 -14.48 -28.29
N GLN A 377 5.07 -13.57 -28.76
CA GLN A 377 6.50 -13.87 -28.89
C GLN A 377 7.26 -13.86 -27.57
N SER A 378 6.60 -13.44 -26.49
CA SER A 378 7.27 -13.36 -25.19
C SER A 378 6.81 -14.40 -24.18
N ARG A 379 5.68 -15.07 -24.43
CA ARG A 379 5.14 -16.01 -23.45
C ARG A 379 6.15 -17.07 -23.02
N ASP A 380 6.88 -17.60 -23.99
CA ASP A 380 7.85 -18.67 -23.76
C ASP A 380 9.27 -18.14 -23.56
N SER A 381 9.40 -16.83 -23.39
CA SER A 381 10.72 -16.23 -23.17
C SER A 381 11.10 -16.32 -21.70
N ASP A 382 12.40 -16.18 -21.41
CA ASP A 382 12.92 -16.38 -20.06
C ASP A 382 13.28 -15.08 -19.36
N LEU A 383 12.56 -14.79 -18.28
CA LEU A 383 12.93 -13.70 -17.37
C LEU A 383 14.13 -14.16 -16.56
N LEU A 384 15.16 -13.31 -16.48
CA LEU A 384 16.42 -13.71 -15.85
C LEU A 384 16.55 -13.28 -14.39
N SER A 385 16.96 -14.21 -13.54
CA SER A 385 17.28 -13.87 -12.15
C SER A 385 18.53 -14.62 -11.66
N ASN A 386 19.61 -14.43 -12.41
CA ASN A 386 20.86 -15.15 -12.16
C ASN A 386 21.94 -14.32 -11.47
N LEU A 387 21.66 -13.06 -11.18
CA LEU A 387 22.68 -12.20 -10.59
C LEU A 387 23.06 -12.69 -9.20
N GLY A 388 24.35 -12.96 -9.01
CA GLY A 388 24.85 -13.42 -7.74
C GLY A 388 24.79 -14.93 -7.57
N PHE A 389 24.29 -15.64 -8.58
CA PHE A 389 24.21 -17.10 -8.48
C PHE A 389 25.58 -17.74 -8.40
N GLY A 390 25.75 -18.67 -7.46
CA GLY A 390 27.01 -19.34 -7.28
C GLY A 390 27.81 -18.71 -6.17
N GLU A 391 27.30 -17.62 -5.60
CA GLU A 391 27.96 -16.98 -4.47
C GLU A 391 27.09 -16.94 -3.20
N ASP A 392 25.91 -17.54 -3.25
CA ASP A 392 25.06 -17.62 -2.06
C ASP A 392 25.54 -18.71 -1.11
N VAL A 393 25.29 -18.51 0.19
CA VAL A 393 25.61 -19.50 1.19
C VAL A 393 24.36 -19.89 1.97
N TYR A 394 24.47 -20.99 2.72
CA TYR A 394 23.45 -21.38 3.67
C TYR A 394 24.13 -21.77 4.98
N GLY A 395 23.44 -21.57 6.10
CA GLY A 395 23.95 -22.00 7.39
C GLY A 395 25.07 -21.16 7.96
N ASP A 396 25.15 -19.91 7.51
CA ASP A 396 26.19 -18.97 7.98
C ASP A 396 26.14 -18.82 9.50
N ALA A 397 27.31 -18.62 10.12
CA ALA A 397 27.39 -18.51 11.57
C ALA A 397 26.65 -17.30 12.14
N VAL A 398 26.49 -16.26 11.32
CA VAL A 398 25.87 -15.03 11.80
C VAL A 398 24.50 -14.75 11.16
N TYR A 399 24.40 -14.89 9.84
CA TYR A 399 23.19 -14.54 9.09
C TYR A 399 22.50 -15.77 8.53
N PRO A 400 21.29 -16.07 9.00
CA PRO A 400 20.64 -17.33 8.63
C PRO A 400 19.88 -17.27 7.30
N GLY A 401 19.61 -18.45 6.74
CA GLY A 401 18.89 -18.58 5.49
C GLY A 401 19.83 -18.79 4.32
N VAL A 402 19.31 -18.73 3.11
CA VAL A 402 20.19 -18.67 1.95
C VAL A 402 20.53 -17.20 1.78
N VAL A 403 21.81 -16.89 1.87
CA VAL A 403 22.26 -15.50 1.97
C VAL A 403 23.28 -15.17 0.89
N GLY A 404 23.07 -14.03 0.24
CA GLY A 404 24.09 -13.45 -0.61
C GLY A 404 24.69 -12.30 0.14
N LYS A 405 26.00 -12.34 0.37
CA LYS A 405 26.65 -11.30 1.17
C LYS A 405 27.04 -10.10 0.32
N SER A 406 26.04 -9.50 -0.32
CA SER A 406 26.21 -8.30 -1.12
C SER A 406 24.88 -7.57 -1.14
N ALA A 407 24.89 -6.24 -1.28
CA ALA A 407 23.67 -5.46 -1.20
C ALA A 407 22.76 -5.64 -2.41
N ILE A 408 23.37 -5.86 -3.57
CA ILE A 408 22.63 -5.94 -4.83
C ILE A 408 22.80 -7.30 -5.50
N GLY A 409 21.70 -8.01 -5.71
CA GLY A 409 21.73 -9.28 -6.39
C GLY A 409 20.34 -9.84 -6.57
N GLU A 410 20.24 -11.10 -6.98
CA GLU A 410 18.93 -11.68 -7.23
C GLU A 410 18.66 -12.94 -6.40
N THR A 411 19.39 -13.06 -5.30
CA THR A 411 19.22 -14.16 -4.35
C THR A 411 17.76 -14.36 -3.94
N SER A 412 17.09 -13.26 -3.59
CA SER A 412 15.74 -13.36 -3.06
C SER A 412 14.71 -13.65 -4.14
N TYR A 413 15.00 -13.28 -5.39
CA TYR A 413 14.15 -13.69 -6.51
C TYR A 413 14.17 -15.20 -6.62
N ARG A 414 15.37 -15.77 -6.55
CA ARG A 414 15.52 -17.22 -6.74
C ARG A 414 14.76 -18.02 -5.69
N GLY A 415 14.84 -17.61 -4.43
CA GLY A 415 14.10 -18.27 -3.37
C GLY A 415 12.60 -18.06 -3.47
N PHE A 416 12.18 -16.87 -3.87
CA PHE A 416 10.77 -16.57 -4.09
C PHE A 416 10.21 -17.50 -5.16
N TYR A 417 10.88 -17.57 -6.30
CA TYR A 417 10.38 -18.37 -7.41
C TYR A 417 10.55 -19.89 -7.24
N ARG A 418 11.56 -20.30 -6.48
CA ARG A 418 11.68 -21.72 -6.12
C ARG A 418 10.45 -22.17 -5.34
N ALA A 419 10.06 -21.38 -4.34
CA ALA A 419 8.87 -21.71 -3.55
C ALA A 419 7.60 -21.64 -4.41
N TYR A 420 7.52 -20.62 -5.27
CA TYR A 420 6.38 -20.48 -6.16
C TYR A 420 6.17 -21.71 -7.04
N GLN A 421 7.24 -22.18 -7.65
CA GLN A 421 7.19 -23.34 -8.54
C GLN A 421 6.83 -24.61 -7.77
N ALA A 422 7.39 -24.75 -6.56
CA ALA A 422 7.06 -25.89 -5.72
C ALA A 422 5.58 -25.94 -5.36
N HIS A 423 4.97 -24.77 -5.10
CA HIS A 423 3.54 -24.74 -4.82
C HIS A 423 2.68 -25.00 -6.06
N VAL A 424 3.00 -24.35 -7.18
CA VAL A 424 2.21 -24.49 -8.40
C VAL A 424 2.15 -25.94 -8.90
N SER A 425 3.21 -26.70 -8.64
CA SER A 425 3.27 -28.08 -9.11
C SER A 425 2.80 -29.08 -8.05
N SER A 426 2.34 -28.59 -6.91
CA SER A 426 1.94 -29.46 -5.80
C SER A 426 0.45 -29.34 -5.50
N SER A 427 -0.14 -30.43 -5.00
CA SER A 427 -1.58 -30.46 -4.71
C SER A 427 -1.92 -30.14 -3.26
N ASN A 428 -0.91 -30.09 -2.41
CA ASN A 428 -1.12 -29.88 -0.98
C ASN A 428 0.21 -29.58 -0.30
N TRP A 429 0.15 -29.29 0.99
CA TRP A 429 1.36 -28.95 1.73
C TRP A 429 2.38 -30.09 1.79
N ALA A 430 1.89 -31.32 1.89
CA ALA A 430 2.78 -32.48 1.96
C ALA A 430 3.62 -32.58 0.69
N GLU A 431 2.98 -32.35 -0.45
CA GLU A 431 3.69 -32.33 -1.71
C GLU A 431 4.67 -31.16 -1.82
N PHE A 432 4.28 -29.99 -1.33
CA PHE A 432 5.24 -28.87 -1.28
C PHE A 432 6.48 -29.25 -0.48
N GLU A 433 6.27 -29.87 0.68
CA GLU A 433 7.39 -30.23 1.53
C GLU A 433 8.33 -31.21 0.83
N HIS A 434 7.74 -32.20 0.16
CA HIS A 434 8.53 -33.18 -0.58
C HIS A 434 9.32 -32.49 -1.68
N ALA A 435 8.71 -31.50 -2.32
CA ALA A 435 9.35 -30.75 -3.40
C ALA A 435 10.39 -29.76 -2.89
N SER A 436 10.46 -29.61 -1.57
CA SER A 436 11.31 -28.59 -0.98
C SER A 436 12.37 -29.14 -0.02
N SER A 437 12.56 -30.45 -0.01
CA SER A 437 13.44 -31.08 0.97
C SER A 437 14.92 -30.79 0.73
N THR A 438 15.25 -30.33 -0.47
CA THR A 438 16.61 -29.90 -0.77
C THR A 438 16.64 -28.44 -1.23
N TRP A 439 15.78 -27.61 -0.65
CA TRP A 439 15.59 -26.24 -1.10
C TRP A 439 16.85 -25.38 -1.06
N HIS A 440 17.62 -25.45 0.01
CA HIS A 440 18.79 -24.58 0.10
C HIS A 440 19.93 -25.06 -0.78
N THR A 441 20.08 -26.37 -0.91
CA THR A 441 21.06 -26.94 -1.82
C THR A 441 20.83 -26.50 -3.25
N GLU A 442 19.56 -26.50 -3.67
CA GLU A 442 19.21 -26.07 -5.02
C GLU A 442 19.61 -24.62 -5.23
N LEU A 443 19.40 -23.80 -4.19
CA LEU A 443 19.68 -22.37 -4.32
C LEU A 443 21.17 -22.01 -4.30
N THR A 444 22.00 -22.84 -3.67
CA THR A 444 23.42 -22.53 -3.54
C THR A 444 24.36 -23.27 -4.51
N LYS A 445 23.78 -24.02 -5.44
CA LYS A 445 24.56 -24.71 -6.47
C LYS A 445 25.59 -23.83 -7.17
N THR A 446 26.64 -24.47 -7.69
CA THR A 446 27.70 -23.80 -8.44
C THR A 446 28.40 -22.71 -7.63
N ILE B 3 -29.48 24.92 6.22
CA ILE B 3 -29.38 23.48 6.49
C ILE B 3 -29.42 23.19 7.99
N ASN B 4 -30.19 22.17 8.34
CA ASN B 4 -30.28 21.65 9.70
C ASN B 4 -29.89 20.17 9.57
N ILE B 5 -28.73 19.80 10.10
CA ILE B 5 -28.24 18.43 9.87
C ILE B 5 -28.95 17.36 10.72
N GLN B 6 -29.75 17.79 11.68
CA GLN B 6 -30.62 16.85 12.38
C GLN B 6 -31.75 16.40 11.45
N GLU B 7 -32.23 17.31 10.61
CA GLU B 7 -33.27 16.97 9.63
C GLU B 7 -32.69 16.40 8.35
N ASP B 8 -31.66 17.06 7.81
CA ASP B 8 -30.99 16.60 6.59
C ASP B 8 -29.93 15.57 6.98
N LYS B 9 -30.38 14.33 7.20
CA LYS B 9 -29.61 13.29 7.86
C LYS B 9 -28.29 12.93 7.21
N LEU B 10 -28.19 13.15 5.90
CA LEU B 10 -27.02 12.72 5.14
C LEU B 10 -25.91 13.76 5.11
N VAL B 11 -26.17 14.95 5.66
CA VAL B 11 -25.24 16.07 5.53
C VAL B 11 -24.28 16.11 6.70
N SER B 12 -22.98 16.21 6.41
CA SER B 12 -21.98 16.33 7.46
C SER B 12 -21.93 17.75 8.00
N ALA B 13 -21.49 17.89 9.25
CA ALA B 13 -21.33 19.21 9.86
C ALA B 13 -20.41 20.09 9.02
N HIS B 14 -19.32 19.50 8.52
CA HIS B 14 -18.36 20.26 7.73
C HIS B 14 -19.01 20.81 6.47
N ASP B 15 -19.71 19.96 5.74
CA ASP B 15 -20.37 20.38 4.50
C ASP B 15 -21.40 21.49 4.75
N ALA B 16 -22.13 21.40 5.86
CA ALA B 16 -23.13 22.40 6.20
C ALA B 16 -22.47 23.74 6.50
N GLU B 17 -21.32 23.70 7.20
CA GLU B 17 -20.53 24.89 7.47
C GLU B 17 -20.10 25.60 6.19
N GLU B 18 -19.65 24.81 5.21
CA GLU B 18 -19.12 25.37 3.98
C GLU B 18 -20.19 26.03 3.12
N ILE B 19 -21.37 25.42 3.07
CA ILE B 19 -22.51 25.98 2.35
C ILE B 19 -22.86 27.36 2.88
N LEU B 20 -22.92 27.47 4.20
CA LEU B 20 -23.26 28.71 4.89
C LEU B 20 -22.39 29.88 4.41
N ARG B 21 -21.14 29.56 4.10
CA ARG B 21 -20.17 30.56 3.70
C ARG B 21 -20.54 31.30 2.41
N PHE B 22 -21.20 30.59 1.50
CA PHE B 22 -21.45 31.12 0.16
C PHE B 22 -22.89 31.58 -0.04
N PHE B 23 -23.80 30.98 0.71
CA PHE B 23 -25.22 31.31 0.60
C PHE B 23 -25.49 32.74 1.08
N ASN B 24 -24.65 33.19 2.01
CA ASN B 24 -24.75 34.55 2.52
C ASN B 24 -24.28 35.56 1.48
N CYS B 25 -23.47 36.52 1.89
CA CYS B 25 -23.04 37.59 0.97
C CYS B 25 -22.54 37.02 -0.35
N HIS B 26 -23.13 37.50 -1.43
CA HIS B 26 -22.72 37.10 -2.76
C HIS B 26 -22.14 38.31 -3.46
N ASP B 27 -20.87 38.23 -3.84
CA ASP B 27 -20.27 39.30 -4.63
C ASP B 27 -19.89 38.78 -6.00
N SER B 28 -20.61 39.25 -7.02
CA SER B 28 -20.40 38.80 -8.39
C SER B 28 -18.97 39.07 -8.85
N ALA B 29 -18.41 40.19 -8.43
CA ALA B 29 -17.04 40.56 -8.81
C ALA B 29 -16.02 39.58 -8.26
N LEU B 30 -16.27 39.10 -7.04
CA LEU B 30 -15.37 38.16 -6.41
C LEU B 30 -15.41 36.81 -7.12
N GLN B 31 -16.60 36.40 -7.56
CA GLN B 31 -16.71 35.14 -8.29
C GLN B 31 -15.97 35.25 -9.62
N GLN B 32 -15.97 36.45 -10.19
CA GLN B 32 -15.23 36.76 -11.41
C GLN B 32 -13.74 36.57 -11.23
N GLU B 33 -13.20 37.27 -10.23
CA GLU B 33 -11.78 37.16 -9.89
C GLU B 33 -11.38 35.72 -9.62
N ALA B 34 -12.22 35.01 -8.85
CA ALA B 34 -11.95 33.62 -8.52
C ALA B 34 -11.89 32.76 -9.79
N THR B 35 -12.81 33.02 -10.72
CA THR B 35 -12.83 32.27 -11.97
C THR B 35 -11.55 32.48 -12.78
N THR B 36 -11.11 33.73 -12.87
CA THR B 36 -9.87 34.06 -13.54
C THR B 36 -8.67 33.36 -12.89
N LEU B 37 -8.63 33.42 -11.57
CA LEU B 37 -7.53 32.86 -10.79
C LEU B 37 -7.39 31.34 -11.05
N LEU B 38 -8.52 30.65 -11.04
CA LEU B 38 -8.53 29.19 -11.21
C LEU B 38 -8.30 28.78 -12.65
N THR B 39 -8.79 29.60 -13.58
CA THR B 39 -8.59 29.30 -14.98
C THR B 39 -7.11 29.46 -15.34
N GLN B 40 -6.48 30.51 -14.82
CA GLN B 40 -5.05 30.69 -15.07
C GLN B 40 -4.20 29.62 -14.41
N GLU B 41 -4.56 29.25 -13.18
CA GLU B 41 -3.86 28.17 -12.49
C GLU B 41 -3.95 26.87 -13.31
N ALA B 42 -5.15 26.54 -13.78
CA ALA B 42 -5.37 25.31 -14.53
C ALA B 42 -4.61 25.33 -15.86
N HIS B 43 -4.47 26.52 -16.44
CA HIS B 43 -3.73 26.65 -17.70
C HIS B 43 -2.25 26.37 -17.49
N LEU B 44 -1.68 26.94 -16.44
CA LEU B 44 -0.29 26.72 -16.08
C LEU B 44 -0.03 25.24 -15.82
N LEU B 45 -0.92 24.61 -15.07
CA LEU B 45 -0.80 23.17 -14.80
C LEU B 45 -0.93 22.35 -16.07
N ASP B 46 -1.87 22.71 -16.93
CA ASP B 46 -2.12 21.90 -18.14
C ASP B 46 -0.94 21.88 -19.09
N ILE B 47 -0.19 22.99 -19.15
CA ILE B 47 0.96 23.04 -20.03
C ILE B 47 2.23 22.59 -19.31
N GLN B 48 2.04 22.13 -18.07
CA GLN B 48 3.10 21.59 -17.22
C GLN B 48 4.15 22.62 -16.85
N ALA B 49 3.70 23.85 -16.67
CA ALA B 49 4.55 24.92 -16.19
C ALA B 49 4.56 24.91 -14.68
N TYR B 50 5.11 23.83 -14.12
CA TYR B 50 5.03 23.60 -12.69
C TYR B 50 5.80 24.64 -11.87
N ARG B 51 6.93 25.13 -12.38
CA ARG B 51 7.66 26.17 -11.66
C ARG B 51 6.88 27.47 -11.65
N ALA B 52 6.30 27.82 -12.80
CA ALA B 52 5.46 29.00 -12.90
C ALA B 52 4.25 28.90 -11.98
N TRP B 53 3.68 27.70 -11.87
CA TRP B 53 2.57 27.45 -10.95
C TRP B 53 2.98 27.76 -9.52
N LEU B 54 4.13 27.25 -9.10
CA LEU B 54 4.62 27.52 -7.74
C LEU B 54 4.87 29.00 -7.51
N GLU B 55 5.47 29.66 -8.49
CA GLU B 55 5.84 31.07 -8.36
C GLU B 55 4.63 31.99 -8.35
N HIS B 56 3.65 31.70 -9.20
CA HIS B 56 2.52 32.61 -9.39
C HIS B 56 1.26 32.23 -8.62
N CYS B 57 1.10 30.95 -8.30
CA CYS B 57 -0.18 30.49 -7.76
C CYS B 57 -0.12 29.97 -6.33
N VAL B 58 1.06 29.66 -5.84
CA VAL B 58 1.18 28.94 -4.56
C VAL B 58 1.88 29.76 -3.46
N GLY B 59 1.18 29.97 -2.34
CA GLY B 59 1.71 30.75 -1.23
C GLY B 59 2.76 29.99 -0.43
N SER B 60 3.70 30.71 0.16
CA SER B 60 4.76 30.07 0.93
C SER B 60 4.20 29.28 2.11
N GLU B 61 3.04 29.68 2.63
CA GLU B 61 2.45 29.01 3.79
C GLU B 61 1.43 27.93 3.41
N VAL B 62 1.45 27.50 2.16
CA VAL B 62 0.45 26.57 1.66
C VAL B 62 0.37 25.24 2.43
N GLN B 63 -0.86 24.74 2.59
CA GLN B 63 -1.11 23.34 2.89
C GLN B 63 -1.92 22.79 1.72
N TYR B 64 -1.34 21.82 1.00
CA TYR B 64 -1.99 21.25 -0.18
C TYR B 64 -2.37 19.82 0.19
N GLN B 65 -3.66 19.56 0.42
CA GLN B 65 -4.08 18.31 1.03
C GLN B 65 -5.18 17.60 0.25
N VAL B 66 -4.97 16.32 -0.02
CA VAL B 66 -5.99 15.46 -0.62
C VAL B 66 -6.10 14.22 0.25
N ILE B 67 -7.30 13.96 0.77
CA ILE B 67 -7.47 12.80 1.65
C ILE B 67 -8.27 11.70 0.99
N SER B 68 -8.07 10.49 1.51
CA SER B 68 -8.90 9.34 1.15
C SER B 68 -9.50 8.81 2.44
N ARG B 69 -10.83 8.85 2.52
CA ARG B 69 -11.56 8.52 3.72
C ARG B 69 -12.00 7.06 3.70
N GLU B 70 -11.72 6.33 4.79
CA GLU B 70 -12.13 4.93 4.90
C GLU B 70 -13.66 4.82 4.88
N LEU B 71 -14.18 3.81 4.21
CA LEU B 71 -15.61 3.57 4.14
C LEU B 71 -16.10 3.02 5.47
N ARG B 72 -17.01 3.74 6.11
CA ARG B 72 -17.56 3.33 7.40
C ARG B 72 -19.07 3.30 7.33
N ALA B 73 -19.70 2.63 8.29
CA ALA B 73 -21.15 2.53 8.33
C ALA B 73 -21.75 3.91 8.60
N ALA B 74 -22.87 4.20 7.95
CA ALA B 74 -23.51 5.48 8.14
C ALA B 74 -23.94 5.63 9.61
N SER B 75 -24.21 4.50 10.26
CA SER B 75 -24.66 4.53 11.66
C SER B 75 -23.53 4.30 12.65
N GLU B 76 -22.29 4.27 12.17
CA GLU B 76 -21.14 4.01 13.04
C GLU B 76 -20.91 5.13 14.04
N ARG B 77 -20.74 4.76 15.30
CA ARG B 77 -20.54 5.72 16.38
C ARG B 77 -19.55 5.26 17.46
N ARG B 78 -18.94 4.09 17.29
CA ARG B 78 -18.00 3.59 18.29
C ARG B 78 -16.57 3.51 17.80
N TYR B 79 -16.37 3.05 16.58
CA TYR B 79 -15.04 2.90 15.99
C TYR B 79 -14.46 4.29 15.70
N LYS B 80 -13.36 4.64 16.37
CA LYS B 80 -12.86 6.01 16.32
C LYS B 80 -11.40 6.17 15.86
N LEU B 81 -10.87 5.16 15.16
CA LEU B 81 -9.51 5.23 14.67
C LEU B 81 -9.43 6.11 13.43
N ASN B 82 -8.21 6.52 13.05
CA ASN B 82 -7.95 7.41 11.93
C ASN B 82 -8.94 7.22 10.80
N GLU B 83 -9.71 8.25 10.49
CA GLU B 83 -10.78 8.18 9.50
C GLU B 83 -10.27 8.29 8.08
N ALA B 84 -9.13 8.94 7.91
CA ALA B 84 -8.61 9.16 6.56
C ALA B 84 -7.09 9.10 6.52
N MET B 85 -6.55 8.90 5.33
CA MET B 85 -5.13 9.06 5.10
C MET B 85 -4.89 10.22 4.13
N ASN B 86 -3.66 10.69 4.09
CA ASN B 86 -3.28 11.80 3.20
C ASN B 86 -2.61 11.30 1.94
N VAL B 87 -3.33 11.38 0.82
CA VAL B 87 -2.74 11.14 -0.49
C VAL B 87 -1.72 12.24 -0.77
N TYR B 88 -2.12 13.47 -0.42
CA TYR B 88 -1.23 14.63 -0.39
C TYR B 88 -1.44 15.35 0.94
N ASN B 89 -0.37 15.89 1.51
CA ASN B 89 -0.48 16.83 2.63
C ASN B 89 0.81 17.62 2.66
N GLU B 90 0.94 18.52 1.70
CA GLU B 90 2.22 19.11 1.34
C GLU B 90 2.35 20.57 1.76
N ASN B 91 3.52 20.92 2.30
CA ASN B 91 3.89 22.32 2.46
C ASN B 91 4.60 22.76 1.17
N PHE B 92 5.05 24.01 1.11
CA PHE B 92 5.67 24.54 -0.11
C PHE B 92 6.90 23.74 -0.52
N GLN B 93 7.75 23.42 0.45
CA GLN B 93 8.96 22.66 0.14
C GLN B 93 8.66 21.28 -0.42
N GLN B 94 7.60 20.65 0.08
CA GLN B 94 7.20 19.33 -0.39
C GLN B 94 6.60 19.38 -1.78
N LEU B 95 5.85 20.44 -2.07
CA LEU B 95 5.39 20.69 -3.44
C LEU B 95 6.59 20.90 -4.35
N LYS B 96 7.60 21.63 -3.88
CA LYS B 96 8.78 21.88 -4.71
C LYS B 96 9.51 20.58 -5.05
N VAL B 97 9.63 19.68 -4.08
CA VAL B 97 10.20 18.35 -4.32
C VAL B 97 9.43 17.63 -5.44
N ARG B 98 8.11 17.67 -5.39
CA ARG B 98 7.30 17.00 -6.39
C ARG B 98 7.48 17.67 -7.76
N VAL B 99 7.62 18.98 -7.77
CA VAL B 99 7.85 19.70 -9.02
C VAL B 99 9.22 19.34 -9.60
N GLU B 100 10.24 19.26 -8.75
CA GLU B 100 11.55 18.85 -9.25
C GLU B 100 11.54 17.44 -9.80
N HIS B 101 10.77 16.56 -9.16
CA HIS B 101 10.63 15.19 -9.62
C HIS B 101 9.98 15.17 -11.02
N GLN B 102 8.98 16.02 -11.23
CA GLN B 102 8.37 16.13 -12.54
C GLN B 102 9.34 16.62 -13.61
N LEU B 103 10.23 17.53 -13.25
CA LEU B 103 11.07 18.20 -14.25
C LEU B 103 12.38 17.49 -14.50
N ASP B 104 12.69 16.48 -13.68
CA ASP B 104 13.96 15.77 -13.76
C ASP B 104 14.04 15.03 -15.08
N PRO B 105 15.17 15.18 -15.81
CA PRO B 105 15.27 14.52 -17.11
C PRO B 105 15.45 13.00 -17.01
N GLN B 106 15.56 12.49 -15.80
CA GLN B 106 15.57 11.05 -15.59
C GLN B 106 14.26 10.53 -15.03
N ASN B 107 13.22 11.36 -15.07
CA ASN B 107 11.88 10.86 -14.78
C ASN B 107 11.39 10.17 -16.04
N TRP B 108 11.64 8.86 -16.11
CA TRP B 108 11.40 8.12 -17.33
C TRP B 108 9.92 8.11 -17.74
N GLY B 109 9.04 8.14 -16.75
CA GLY B 109 7.61 8.12 -17.03
C GLY B 109 7.09 9.35 -17.75
N ASN B 110 7.90 10.41 -17.80
CA ASN B 110 7.49 11.62 -18.49
C ASN B 110 7.96 11.71 -19.94
N SER B 111 8.46 10.61 -20.48
CA SER B 111 8.81 10.54 -21.89
C SER B 111 8.16 9.30 -22.47
N PRO B 112 7.30 9.46 -23.50
CA PRO B 112 6.94 10.73 -24.15
C PRO B 112 6.10 11.64 -23.24
N LYS B 113 6.13 12.92 -23.54
CA LYS B 113 5.47 13.94 -22.71
C LYS B 113 3.98 13.63 -22.48
N LEU B 114 3.55 13.79 -21.23
CA LEU B 114 2.15 13.60 -20.85
C LEU B 114 1.29 14.71 -21.44
N ARG B 115 -0.02 14.47 -21.48
CA ARG B 115 -0.96 15.48 -21.93
C ARG B 115 -2.04 15.65 -20.88
N PHE B 116 -2.19 16.87 -20.38
CA PHE B 116 -3.19 17.19 -19.36
C PHE B 116 -4.23 18.16 -19.91
N THR B 117 -5.48 17.93 -19.54
CA THR B 117 -6.56 18.87 -19.83
C THR B 117 -7.47 18.97 -18.60
N ARG B 118 -7.63 20.19 -18.09
CA ARG B 118 -8.42 20.41 -16.87
C ARG B 118 -9.68 21.22 -17.14
N PHE B 119 -10.76 20.85 -16.47
CA PHE B 119 -12.04 21.50 -16.66
C PHE B 119 -12.51 21.95 -15.30
N ILE B 120 -12.55 23.27 -15.10
CA ILE B 120 -12.90 23.84 -13.80
C ILE B 120 -14.30 24.41 -13.89
N THR B 121 -15.16 24.02 -12.95
CA THR B 121 -16.55 24.48 -12.96
C THR B 121 -17.05 24.81 -11.56
N ASN B 122 -18.30 25.30 -11.48
CA ASN B 122 -18.97 25.49 -10.18
C ASN B 122 -18.19 26.38 -9.23
N VAL B 123 -17.59 27.44 -9.76
CA VAL B 123 -16.79 28.33 -8.92
C VAL B 123 -17.66 29.16 -7.99
N GLN B 124 -17.29 29.17 -6.71
CA GLN B 124 -17.93 30.01 -5.70
C GLN B 124 -16.84 30.70 -4.92
N ALA B 125 -17.10 31.94 -4.51
CA ALA B 125 -16.10 32.70 -3.75
C ALA B 125 -16.73 33.53 -2.65
N ALA B 126 -16.07 33.58 -1.50
CA ALA B 126 -16.52 34.43 -0.41
C ALA B 126 -15.35 34.83 0.46
N MET B 127 -15.31 36.09 0.89
CA MET B 127 -14.28 36.53 1.81
C MET B 127 -14.53 35.96 3.19
N ASP B 128 -13.46 35.63 3.90
CA ASP B 128 -13.58 35.14 5.27
C ASP B 128 -14.14 36.22 6.19
N VAL B 129 -14.85 35.78 7.23
CA VAL B 129 -15.43 36.70 8.21
C VAL B 129 -14.37 37.38 9.07
N ASN B 130 -13.47 36.59 9.63
CA ASN B 130 -12.48 37.12 10.57
C ASN B 130 -11.33 37.80 9.86
N ASP B 131 -10.81 37.15 8.83
CA ASP B 131 -9.66 37.63 8.08
C ASP B 131 -10.14 38.20 6.76
N LYS B 132 -10.27 39.53 6.69
CA LYS B 132 -10.76 40.18 5.47
C LYS B 132 -9.78 40.08 4.30
N GLU B 133 -8.66 39.41 4.51
CA GLU B 133 -7.66 39.20 3.48
C GLU B 133 -7.66 37.76 2.98
N LEU B 134 -8.50 36.92 3.59
CA LEU B 134 -8.56 35.52 3.22
C LEU B 134 -9.78 35.24 2.35
N LEU B 135 -9.53 34.76 1.13
CA LEU B 135 -10.60 34.48 0.18
C LEU B 135 -10.88 32.99 0.12
N HIS B 136 -12.11 32.59 0.43
CA HIS B 136 -12.52 31.20 0.26
C HIS B 136 -13.01 30.98 -1.16
N ILE B 137 -12.45 29.98 -1.84
CA ILE B 137 -12.91 29.63 -3.17
C ILE B 137 -13.24 28.15 -3.23
N ARG B 138 -14.42 27.83 -3.75
CA ARG B 138 -14.79 26.44 -3.97
C ARG B 138 -14.91 26.22 -5.48
N SER B 139 -14.43 25.08 -5.95
CA SER B 139 -14.59 24.74 -7.37
C SER B 139 -14.46 23.25 -7.58
N ASN B 140 -15.03 22.77 -8.69
CA ASN B 140 -14.93 21.36 -9.04
C ASN B 140 -14.01 21.16 -10.25
N VAL B 141 -13.27 20.06 -10.27
CA VAL B 141 -12.37 19.79 -11.38
C VAL B 141 -12.58 18.42 -12.01
N ILE B 142 -12.60 18.40 -13.33
CA ILE B 142 -12.40 17.17 -14.07
C ILE B 142 -11.00 17.28 -14.64
N LEU B 143 -10.16 16.28 -14.38
CA LEU B 143 -8.79 16.32 -14.87
C LEU B 143 -8.54 15.10 -15.75
N HIS B 144 -8.19 15.35 -17.00
CA HIS B 144 -7.94 14.31 -17.99
C HIS B 144 -6.43 14.20 -18.21
N ARG B 145 -5.86 13.01 -17.99
CA ARG B 145 -4.44 12.77 -18.25
C ARG B 145 -4.29 11.65 -19.26
N ALA B 146 -3.58 11.94 -20.35
CA ALA B 146 -3.38 10.94 -21.41
C ALA B 146 -1.90 10.73 -21.64
N ARG B 147 -1.51 9.47 -21.80
CA ARG B 147 -0.11 9.17 -22.02
C ARG B 147 0.06 7.86 -22.75
N ARG B 148 1.18 7.75 -23.45
CA ARG B 148 1.63 6.47 -24.00
C ARG B 148 0.63 5.76 -24.89
N GLY B 149 -0.05 6.55 -25.71
CA GLY B 149 -0.87 6.02 -26.78
C GLY B 149 -2.28 5.75 -26.35
N ASN B 150 -2.45 4.89 -25.35
CA ASN B 150 -3.80 4.50 -24.98
C ASN B 150 -4.11 4.49 -23.50
N GLN B 151 -3.27 5.14 -22.70
CA GLN B 151 -3.59 5.29 -21.29
C GLN B 151 -4.36 6.60 -21.08
N VAL B 152 -5.52 6.49 -20.44
CA VAL B 152 -6.38 7.64 -20.22
C VAL B 152 -6.94 7.56 -18.82
N ASP B 153 -6.67 8.58 -18.01
CA ASP B 153 -7.16 8.61 -16.64
C ASP B 153 -7.89 9.91 -16.39
N VAL B 154 -9.10 9.79 -15.85
CA VAL B 154 -9.93 10.96 -15.59
C VAL B 154 -10.24 11.05 -14.10
N PHE B 155 -9.92 12.22 -13.54
CA PHE B 155 -10.10 12.46 -12.11
C PHE B 155 -11.23 13.46 -11.90
N TYR B 156 -11.97 13.29 -10.81
CA TYR B 156 -13.12 14.15 -10.50
C TYR B 156 -13.05 14.57 -9.04
N ALA B 157 -13.19 15.86 -8.73
CA ALA B 157 -13.09 16.29 -7.33
C ALA B 157 -13.66 17.66 -7.08
N ALA B 158 -14.05 17.90 -5.83
CA ALA B 158 -14.40 19.24 -5.36
C ALA B 158 -13.22 19.78 -4.55
N ARG B 159 -12.90 21.05 -4.74
CA ARG B 159 -11.75 21.66 -4.07
C ARG B 159 -12.19 22.78 -3.15
N GLU B 160 -11.82 22.69 -1.87
CA GLU B 160 -12.06 23.77 -0.93
C GLU B 160 -10.75 24.52 -0.75
N ASP B 161 -10.67 25.72 -1.32
CA ASP B 161 -9.45 26.53 -1.29
C ASP B 161 -9.55 27.74 -0.37
N LYS B 162 -8.40 28.15 0.14
CA LYS B 162 -8.22 29.48 0.72
C LYS B 162 -7.10 30.15 -0.08
N TRP B 163 -7.35 31.39 -0.52
CA TRP B 163 -6.37 32.15 -1.27
C TRP B 163 -6.14 33.48 -0.55
N LYS B 164 -4.90 33.96 -0.59
CA LYS B 164 -4.55 35.19 0.09
C LYS B 164 -3.50 35.98 -0.71
N ARG B 165 -3.58 37.30 -0.69
CA ARG B 165 -2.59 38.09 -1.43
C ARG B 165 -1.19 37.93 -0.84
N GLY B 166 -0.23 37.64 -1.70
CA GLY B 166 1.16 37.46 -1.29
C GLY B 166 2.06 38.52 -1.88
N GLU B 167 3.27 38.11 -2.28
CA GLU B 167 4.23 39.06 -2.85
C GLU B 167 3.69 39.72 -4.10
N GLY B 168 3.82 41.03 -4.18
CA GLY B 168 3.32 41.81 -5.30
C GLY B 168 1.82 42.07 -5.26
N GLY B 169 1.15 41.56 -4.24
CA GLY B 169 -0.30 41.70 -4.14
C GLY B 169 -1.03 40.66 -4.96
N VAL B 170 -0.29 39.64 -5.40
CA VAL B 170 -0.86 38.54 -6.18
C VAL B 170 -1.52 37.54 -5.25
N ARG B 171 -2.78 37.21 -5.52
CA ARG B 171 -3.50 36.20 -4.74
C ARG B 171 -2.93 34.81 -4.99
N LYS B 172 -2.59 34.12 -3.91
CA LYS B 172 -2.00 32.80 -4.03
C LYS B 172 -2.71 31.80 -3.13
N LEU B 173 -2.62 30.54 -3.51
CA LEU B 173 -3.24 29.45 -2.77
C LEU B 173 -2.52 29.23 -1.43
N VAL B 174 -3.25 29.30 -0.33
CA VAL B 174 -2.67 29.02 0.99
C VAL B 174 -3.22 27.74 1.62
N GLN B 175 -4.34 27.26 1.09
CA GLN B 175 -4.84 25.94 1.46
C GLN B 175 -5.69 25.39 0.34
N ARG B 176 -5.45 24.14 -0.03
CA ARG B 176 -6.39 23.39 -0.84
C ARG B 176 -6.73 22.11 -0.10
N PHE B 177 -8.02 21.82 0.01
CA PHE B 177 -8.47 20.58 0.62
C PHE B 177 -9.40 19.85 -0.34
N VAL B 178 -9.06 18.59 -0.61
CA VAL B 178 -9.88 17.73 -1.44
C VAL B 178 -10.13 16.44 -0.66
N ASP B 179 -11.39 16.04 -0.56
CA ASP B 179 -11.77 14.74 -0.02
C ASP B 179 -12.07 13.88 -1.25
N TYR B 180 -11.11 13.06 -1.69
CA TYR B 180 -11.25 12.41 -2.99
C TYR B 180 -12.44 11.44 -3.01
N PRO B 181 -13.31 11.55 -4.03
CA PRO B 181 -14.58 10.85 -3.90
C PRO B 181 -14.53 9.34 -4.17
N GLU B 182 -13.52 8.86 -4.89
CA GLU B 182 -13.38 7.43 -5.13
C GLU B 182 -12.42 6.83 -4.12
N ARG B 183 -12.86 5.80 -3.41
CA ARG B 183 -12.03 5.18 -2.37
C ARG B 183 -10.88 4.36 -2.98
N ILE B 184 -11.17 3.54 -3.97
CA ILE B 184 -10.11 2.79 -4.66
C ILE B 184 -9.86 3.45 -6.01
N LEU B 185 -8.65 3.96 -6.21
CA LEU B 185 -8.33 4.65 -7.45
C LEU B 185 -8.24 3.68 -8.62
N GLN B 186 -8.86 4.06 -9.73
CA GLN B 186 -8.81 3.26 -10.95
C GLN B 186 -8.06 4.02 -12.05
N THR B 187 -7.06 4.80 -11.62
CA THR B 187 -6.33 5.70 -12.50
C THR B 187 -4.82 5.45 -12.46
N HIS B 188 -4.43 4.26 -12.01
CA HIS B 188 -3.02 3.85 -11.84
C HIS B 188 -2.32 4.52 -10.64
N ASN B 189 -2.64 5.79 -10.41
CA ASN B 189 -2.11 6.57 -9.29
C ASN B 189 -2.87 7.88 -9.20
N LEU B 190 -2.53 8.72 -8.21
CA LEU B 190 -3.11 10.06 -8.13
C LEU B 190 -2.02 11.11 -8.30
N MET B 191 -1.08 10.83 -9.19
CA MET B 191 0.08 11.69 -9.42
C MET B 191 -0.26 12.90 -10.29
N VAL B 192 -1.33 13.60 -9.93
CA VAL B 192 -1.73 14.82 -10.64
C VAL B 192 -2.02 15.88 -9.60
N PHE B 193 -1.76 17.12 -9.95
CA PHE B 193 -2.13 18.22 -9.08
C PHE B 193 -3.59 18.58 -9.32
N LEU B 194 -4.46 18.17 -8.41
CA LEU B 194 -5.86 18.53 -8.48
C LEU B 194 -6.01 19.99 -8.08
#